data_9R23
#
_entry.id   9R23
#
_cell.length_a   1.00
_cell.length_b   1.00
_cell.length_c   1.00
_cell.angle_alpha   90.00
_cell.angle_beta   90.00
_cell.angle_gamma   90.00
#
_symmetry.space_group_name_H-M   'P 1'
#
loop_
_entity.id
_entity.type
_entity.pdbx_description
1 polymer 'flotillin-associated rhodopsin'
2 non-polymer EICOSANE
3 non-polymer RETINAL
4 water water
#
_entity_poly.entity_id   1
_entity_poly.type   'polypeptide(L)'
_entity_poly.pdbx_seq_one_letter_code
;MNSTLLPTDIVGGTFWLLSMALIGASIFFLLERNRVDGRWHTTMTLLGVTMLISAIFYYYVQGMWVDTGKAPIVLRYLDW
ILTVSMQVVMFYVILTAVTKVSSALFWRLLIGALVMVIGGFLGAAGYMSATLGFIIGVVGWLYILGEIYMGEASRCNIES
GNEATHMAFNGLRLILTIGWAIYPLGYFINNLGGGVDANSLNIIYNLTDFLNKIIFGFVVYRAAMNDTQARLDEIKKLEH
HHHHH
;
_entity_poly.pdbx_strand_id   A,B,C,D,E
#
# COMPACT_ATOMS: atom_id res chain seq x y z
N SER A 3 -37.66 8.41 11.75
CA SER A 3 -36.98 7.18 11.26
C SER A 3 -36.33 7.46 9.91
N THR A 4 -37.13 7.91 8.93
CA THR A 4 -36.66 8.07 7.57
C THR A 4 -35.31 8.78 7.57
N LEU A 5 -34.28 8.09 7.04
CA LEU A 5 -32.96 8.67 6.90
C LEU A 5 -33.10 9.94 6.08
N LEU A 6 -32.30 10.97 6.44
CA LEU A 6 -32.30 12.23 5.73
C LEU A 6 -31.34 12.16 4.56
N PRO A 7 -31.63 12.84 3.43
CA PRO A 7 -30.70 12.87 2.31
C PRO A 7 -29.26 13.13 2.72
N THR A 8 -29.05 13.97 3.74
CA THR A 8 -27.71 14.31 4.17
C THR A 8 -26.99 13.05 4.63
N ASP A 9 -27.76 12.13 5.23
CA ASP A 9 -27.24 10.88 5.76
C ASP A 9 -26.83 9.96 4.61
N ILE A 10 -27.67 9.95 3.60
CA ILE A 10 -27.45 9.12 2.44
C ILE A 10 -26.30 9.71 1.62
N VAL A 11 -26.07 11.03 1.69
CA VAL A 11 -24.98 11.61 0.91
C VAL A 11 -23.62 11.07 1.40
N GLY A 12 -23.38 11.13 2.69
CA GLY A 12 -22.09 10.73 3.19
C GLY A 12 -21.94 9.21 3.24
N GLY A 13 -23.08 8.51 3.19
CA GLY A 13 -23.06 7.06 3.15
C GLY A 13 -22.62 6.63 1.76
N THR A 14 -23.26 7.22 0.77
CA THR A 14 -22.93 6.88 -0.59
C THR A 14 -21.49 7.26 -0.90
N PHE A 15 -20.92 8.29 -0.28
CA PHE A 15 -19.53 8.62 -0.55
C PHE A 15 -18.64 7.50 -0.06
N TRP A 16 -19.05 6.81 1.01
CA TRP A 16 -18.28 5.70 1.57
C TRP A 16 -18.40 4.49 0.66
N LEU A 17 -19.64 4.25 0.21
CA LEU A 17 -19.92 3.14 -0.65
C LEU A 17 -19.00 3.24 -1.85
N LEU A 18 -18.88 4.45 -2.41
CA LEU A 18 -18.26 4.66 -3.70
C LEU A 18 -16.78 4.44 -3.53
N SER A 19 -16.29 4.91 -2.41
CA SER A 19 -14.89 4.79 -2.08
C SER A 19 -14.46 3.33 -1.92
N MET A 20 -15.31 2.52 -1.29
CA MET A 20 -15.04 1.13 -1.04
C MET A 20 -15.14 0.35 -2.35
N ALA A 21 -16.21 0.62 -3.11
CA ALA A 21 -16.49 -0.17 -4.30
C ALA A 21 -15.35 0.03 -5.29
N LEU A 22 -14.82 1.26 -5.35
CA LEU A 22 -13.89 1.65 -6.38
C LEU A 22 -12.50 1.26 -5.98
N ILE A 23 -12.17 1.25 -4.70
CA ILE A 23 -10.90 0.68 -4.29
C ILE A 23 -10.92 -0.83 -4.48
N GLY A 24 -12.08 -1.46 -4.29
CA GLY A 24 -12.21 -2.87 -4.53
C GLY A 24 -12.04 -3.20 -6.00
N ALA A 25 -12.74 -2.49 -6.85
CA ALA A 25 -12.64 -2.76 -8.27
C ALA A 25 -11.23 -2.50 -8.76
N SER A 26 -10.60 -1.48 -8.20
CA SER A 26 -9.26 -1.15 -8.60
C SER A 26 -8.31 -2.33 -8.34
N ILE A 27 -8.32 -2.87 -7.11
CA ILE A 27 -7.38 -3.91 -6.74
C ILE A 27 -7.70 -5.14 -7.55
N PHE A 28 -8.95 -5.33 -7.90
CA PHE A 28 -9.35 -6.54 -8.56
C PHE A 28 -8.83 -6.51 -9.99
N PHE A 29 -8.83 -5.33 -10.62
CA PHE A 29 -8.48 -5.22 -12.02
C PHE A 29 -6.97 -5.20 -12.12
N LEU A 30 -6.30 -4.71 -11.08
CA LEU A 30 -4.86 -4.62 -11.12
C LEU A 30 -4.26 -5.97 -10.80
N LEU A 31 -4.97 -6.81 -10.06
CA LEU A 31 -4.47 -8.12 -9.70
C LEU A 31 -4.77 -9.12 -10.80
N GLU A 32 -5.86 -8.91 -11.52
CA GLU A 32 -6.21 -9.78 -12.62
C GLU A 32 -5.51 -9.36 -13.91
N ARG A 33 -4.61 -8.37 -13.85
CA ARG A 33 -3.97 -7.93 -15.06
C ARG A 33 -2.88 -8.91 -15.46
N ASN A 34 -2.53 -9.80 -14.53
CA ASN A 34 -1.43 -10.73 -14.76
C ASN A 34 -1.94 -12.02 -15.40
N ARG A 35 -3.27 -12.13 -15.54
N ARG A 35 -3.27 -12.13 -15.54
CA ARG A 35 -3.88 -13.36 -16.00
CA ARG A 35 -3.90 -13.36 -15.99
C ARG A 35 -4.47 -13.18 -17.40
C ARG A 35 -4.46 -13.17 -17.40
N VAL A 36 -4.45 -11.95 -17.91
CA VAL A 36 -4.89 -11.70 -19.28
C VAL A 36 -3.67 -11.80 -20.19
N ASP A 37 -3.90 -12.16 -21.45
CA ASP A 37 -2.86 -12.10 -22.46
C ASP A 37 -2.13 -10.75 -22.37
N GLY A 38 -0.83 -10.73 -22.62
CA GLY A 38 -0.06 -9.52 -22.43
C GLY A 38 -0.55 -8.37 -23.29
N ARG A 39 -1.23 -8.64 -24.41
CA ARG A 39 -1.69 -7.55 -25.24
C ARG A 39 -2.73 -6.75 -24.48
N TRP A 40 -3.36 -7.36 -23.45
CA TRP A 40 -4.36 -6.69 -22.65
C TRP A 40 -3.81 -6.08 -21.35
N HIS A 41 -2.49 -5.96 -21.17
CA HIS A 41 -1.97 -5.54 -19.89
C HIS A 41 -2.16 -4.04 -19.63
N THR A 42 -2.00 -3.19 -20.65
CA THR A 42 -2.19 -1.76 -20.55
C THR A 42 -3.68 -1.48 -20.38
N THR A 43 -4.53 -2.25 -21.02
CA THR A 43 -5.96 -2.06 -20.84
C THR A 43 -6.35 -2.25 -19.39
N MET A 44 -5.76 -3.26 -18.76
CA MET A 44 -6.10 -3.63 -17.41
C MET A 44 -5.39 -2.72 -16.42
N THR A 45 -4.28 -2.10 -16.82
CA THR A 45 -3.56 -1.22 -15.93
C THR A 45 -4.24 0.14 -15.92
N LEU A 46 -4.75 0.54 -17.06
CA LEU A 46 -5.51 1.76 -17.14
C LEU A 46 -6.88 1.59 -16.46
N LEU A 47 -7.43 0.39 -16.51
CA LEU A 47 -8.70 0.19 -15.85
C LEU A 47 -8.52 0.29 -14.34
N GLY A 48 -7.52 -0.39 -13.79
CA GLY A 48 -7.37 -0.33 -12.37
C GLY A 48 -7.00 1.07 -11.89
N VAL A 49 -6.21 1.82 -12.67
CA VAL A 49 -5.77 3.14 -12.25
C VAL A 49 -6.89 4.15 -12.41
N THR A 50 -7.79 3.95 -13.36
CA THR A 50 -8.94 4.81 -13.40
C THR A 50 -9.72 4.67 -12.11
N MET A 51 -9.97 3.43 -11.66
CA MET A 51 -10.77 3.21 -10.47
C MET A 51 -10.05 3.76 -9.24
N LEU A 52 -8.73 3.62 -9.15
CA LEU A 52 -7.97 4.12 -8.04
C LEU A 52 -8.08 5.65 -7.95
N ILE A 53 -8.05 6.32 -9.09
CA ILE A 53 -8.09 7.76 -9.09
C ILE A 53 -9.45 8.17 -8.57
N SER A 54 -10.50 7.50 -9.00
CA SER A 54 -11.82 7.89 -8.55
C SER A 54 -11.97 7.57 -7.07
N ALA A 55 -11.38 6.50 -6.57
CA ALA A 55 -11.49 6.14 -5.18
C ALA A 55 -10.83 7.19 -4.30
N ILE A 56 -9.73 7.76 -4.78
CA ILE A 56 -9.00 8.74 -4.02
C ILE A 56 -9.83 10.01 -4.01
N PHE A 57 -10.55 10.27 -5.09
CA PHE A 57 -11.37 11.45 -5.09
C PHE A 57 -12.40 11.31 -3.96
N TYR A 58 -13.07 10.17 -3.90
CA TYR A 58 -14.16 9.99 -2.97
C TYR A 58 -13.61 9.97 -1.55
N TYR A 59 -12.35 9.56 -1.36
CA TYR A 59 -11.76 9.64 -0.05
C TYR A 59 -11.60 11.11 0.36
N TYR A 60 -11.12 11.95 -0.55
CA TYR A 60 -11.05 13.38 -0.27
C TYR A 60 -12.43 13.94 0.03
N VAL A 61 -13.42 13.59 -0.76
CA VAL A 61 -14.68 14.28 -0.64
C VAL A 61 -15.36 13.85 0.65
N GLN A 62 -15.17 12.61 1.05
CA GLN A 62 -15.87 12.17 2.25
C GLN A 62 -15.30 12.94 3.44
N GLY A 63 -14.00 13.25 3.42
CA GLY A 63 -13.40 14.07 4.46
C GLY A 63 -14.01 15.46 4.50
N MET A 64 -14.14 16.10 3.34
CA MET A 64 -14.74 17.41 3.26
C MET A 64 -16.19 17.38 3.79
N TRP A 65 -16.88 16.27 3.59
CA TRP A 65 -18.27 16.19 4.00
C TRP A 65 -18.31 16.03 5.51
N VAL A 66 -17.52 15.10 6.02
CA VAL A 66 -17.52 14.79 7.44
C VAL A 66 -17.21 16.06 8.23
N ASP A 67 -16.29 16.88 7.72
CA ASP A 67 -15.84 18.06 8.42
C ASP A 67 -16.82 19.21 8.16
N THR A 68 -16.84 19.70 6.93
CA THR A 68 -17.55 20.93 6.61
C THR A 68 -19.05 20.68 6.53
N GLY A 69 -19.43 19.45 6.15
CA GLY A 69 -20.83 19.12 5.95
C GLY A 69 -21.36 19.50 4.56
N LYS A 70 -20.47 20.05 3.73
CA LYS A 70 -20.83 20.45 2.37
C LYS A 70 -19.88 19.77 1.39
N ALA A 71 -20.41 19.41 0.22
CA ALA A 71 -19.59 18.87 -0.86
C ALA A 71 -20.14 19.39 -2.18
N PRO A 72 -19.59 20.50 -2.71
CA PRO A 72 -20.13 21.09 -3.94
C PRO A 72 -20.05 20.16 -5.15
N ILE A 73 -20.80 20.47 -6.20
CA ILE A 73 -20.89 19.60 -7.37
C ILE A 73 -19.78 19.97 -8.35
N VAL A 74 -19.11 21.10 -8.12
CA VAL A 74 -18.03 21.54 -8.99
C VAL A 74 -16.79 20.76 -8.58
N LEU A 75 -16.84 20.10 -7.44
CA LEU A 75 -15.70 19.31 -7.07
C LEU A 75 -15.53 18.15 -8.03
N ARG A 76 -16.60 17.79 -8.72
CA ARG A 76 -16.57 16.57 -9.51
C ARG A 76 -15.58 16.73 -10.66
N TYR A 77 -15.48 17.93 -11.20
CA TYR A 77 -14.69 18.14 -12.37
C TYR A 77 -13.22 17.85 -12.09
N LEU A 78 -12.79 17.70 -10.85
CA LEU A 78 -11.45 17.15 -10.64
C LEU A 78 -11.38 15.67 -11.04
N ASP A 79 -12.29 14.87 -10.53
CA ASP A 79 -12.33 13.48 -10.91
C ASP A 79 -12.54 13.39 -12.43
N TRP A 80 -13.57 14.07 -12.93
CA TRP A 80 -13.95 13.88 -14.31
C TRP A 80 -12.83 14.28 -15.23
N ILE A 81 -12.15 15.37 -14.97
CA ILE A 81 -11.11 15.77 -15.91
C ILE A 81 -10.11 14.61 -16.05
N LEU A 82 -9.87 13.87 -14.96
CA LEU A 82 -8.92 12.78 -15.00
C LEU A 82 -9.60 11.57 -15.62
N THR A 83 -10.70 11.12 -15.02
CA THR A 83 -11.24 9.80 -15.29
C THR A 83 -12.09 9.73 -16.54
N VAL A 84 -12.75 10.80 -16.97
CA VAL A 84 -13.43 10.79 -18.24
C VAL A 84 -12.42 10.67 -19.38
N SER A 85 -11.28 11.34 -19.24
CA SER A 85 -10.22 11.29 -20.23
C SER A 85 -9.77 9.86 -20.40
N MET A 86 -9.49 9.21 -19.28
CA MET A 86 -9.00 7.85 -19.30
C MET A 86 -10.04 6.89 -19.89
N GLN A 87 -11.31 7.09 -19.61
CA GLN A 87 -12.34 6.22 -20.14
C GLN A 87 -12.51 6.41 -21.64
N VAL A 88 -12.32 7.59 -22.17
CA VAL A 88 -12.51 7.76 -23.60
C VAL A 88 -11.30 7.20 -24.34
N VAL A 89 -10.15 7.24 -23.70
CA VAL A 89 -8.94 6.70 -24.29
C VAL A 89 -9.00 5.17 -24.29
N MET A 90 -9.73 4.57 -23.37
CA MET A 90 -9.86 3.13 -23.35
C MET A 90 -10.32 2.62 -24.71
N PHE A 91 -11.13 3.35 -25.48
CA PHE A 91 -11.53 2.85 -26.78
C PHE A 91 -10.32 2.67 -27.69
N TYR A 92 -9.37 3.58 -27.59
CA TYR A 92 -8.15 3.43 -28.36
C TYR A 92 -7.29 2.32 -27.80
N VAL A 93 -7.06 2.29 -26.49
CA VAL A 93 -6.16 1.30 -25.92
C VAL A 93 -6.64 -0.12 -26.24
N ILE A 94 -7.95 -0.33 -26.25
CA ILE A 94 -8.52 -1.63 -26.53
C ILE A 94 -8.28 -1.97 -28.00
N LEU A 95 -8.39 -1.01 -28.89
CA LEU A 95 -8.21 -1.32 -30.30
C LEU A 95 -6.75 -1.64 -30.57
N THR A 96 -5.84 -0.92 -29.95
CA THR A 96 -4.44 -1.17 -30.18
C THR A 96 -4.06 -2.53 -29.59
N ALA A 97 -4.87 -3.08 -28.69
CA ALA A 97 -4.63 -4.43 -28.19
C ALA A 97 -4.78 -5.45 -29.30
N VAL A 98 -5.65 -5.19 -30.28
CA VAL A 98 -6.06 -6.27 -31.14
C VAL A 98 -5.84 -5.92 -32.60
N THR A 99 -5.53 -4.66 -32.89
CA THR A 99 -5.41 -4.21 -34.28
C THR A 99 -4.44 -3.05 -34.31
N LYS A 100 -4.28 -2.43 -35.48
CA LYS A 100 -3.43 -1.25 -35.65
C LYS A 100 -4.32 -0.07 -36.00
N VAL A 101 -4.24 0.98 -35.17
CA VAL A 101 -5.03 2.18 -35.39
C VAL A 101 -4.12 3.41 -35.32
N SER A 102 -4.45 4.44 -36.10
CA SER A 102 -3.68 5.67 -36.10
C SER A 102 -3.59 6.28 -34.71
N SER A 103 -2.47 6.93 -34.41
CA SER A 103 -2.30 7.62 -33.13
C SER A 103 -3.25 8.79 -33.02
N ALA A 104 -3.63 9.37 -34.17
CA ALA A 104 -4.56 10.48 -34.27
C ALA A 104 -5.87 10.22 -33.55
N LEU A 105 -6.37 8.99 -33.64
CA LEU A 105 -7.56 8.65 -32.90
C LEU A 105 -7.33 8.98 -31.42
N PHE A 106 -6.16 8.65 -30.87
CA PHE A 106 -5.94 8.94 -29.47
C PHE A 106 -6.22 10.41 -29.21
N TRP A 107 -5.68 11.31 -30.01
CA TRP A 107 -5.79 12.73 -29.72
C TRP A 107 -7.20 13.23 -30.03
N ARG A 108 -7.86 12.75 -31.07
CA ARG A 108 -9.23 13.15 -31.28
C ARG A 108 -10.08 12.82 -30.05
N LEU A 109 -9.98 11.58 -29.58
CA LEU A 109 -10.73 11.14 -28.44
C LEU A 109 -10.39 11.98 -27.21
N LEU A 110 -9.11 12.17 -26.85
CA LEU A 110 -8.73 12.90 -25.66
C LEU A 110 -9.20 14.34 -25.73
N ILE A 111 -8.91 15.02 -26.81
CA ILE A 111 -9.35 16.41 -26.97
C ILE A 111 -10.86 16.47 -26.85
N GLY A 112 -11.57 15.43 -27.28
CA GLY A 112 -13.02 15.46 -27.20
C GLY A 112 -13.50 15.44 -25.75
N ALA A 113 -12.83 14.62 -24.93
CA ALA A 113 -13.07 14.55 -23.51
C ALA A 113 -12.72 15.88 -22.85
N LEU A 114 -11.59 16.44 -23.20
CA LEU A 114 -11.17 17.68 -22.53
C LEU A 114 -12.14 18.79 -22.84
N VAL A 115 -12.72 18.83 -24.03
CA VAL A 115 -13.68 19.88 -24.34
C VAL A 115 -14.96 19.70 -23.55
N MET A 116 -15.43 18.45 -23.44
CA MET A 116 -16.63 18.12 -22.69
C MET A 116 -16.53 18.59 -21.23
N VAL A 117 -15.47 18.18 -20.53
CA VAL A 117 -15.36 18.47 -19.12
C VAL A 117 -15.02 19.93 -18.91
N ILE A 118 -14.06 20.45 -19.66
CA ILE A 118 -13.61 21.81 -19.43
C ILE A 118 -14.73 22.77 -19.82
N GLY A 119 -15.44 22.46 -20.91
CA GLY A 119 -16.59 23.27 -21.32
C GLY A 119 -17.64 23.37 -20.20
N GLY A 120 -17.91 22.27 -19.52
CA GLY A 120 -18.87 22.29 -18.44
C GLY A 120 -18.29 22.93 -17.17
N PHE A 121 -17.00 22.73 -16.88
CA PHE A 121 -16.38 23.35 -15.71
C PHE A 121 -16.50 24.85 -15.83
N LEU A 122 -16.13 25.40 -16.99
CA LEU A 122 -16.20 26.84 -17.18
C LEU A 122 -17.63 27.33 -16.93
N GLY A 123 -18.62 26.59 -17.37
CA GLY A 123 -20.00 26.98 -17.10
C GLY A 123 -20.46 26.77 -15.65
N ALA A 124 -19.87 25.82 -14.94
CA ALA A 124 -20.24 25.57 -13.56
C ALA A 124 -19.51 26.49 -12.59
N ALA A 125 -18.23 26.79 -12.91
CA ALA A 125 -17.41 27.62 -12.04
C ALA A 125 -17.86 29.08 -12.13
N GLY A 126 -18.43 29.48 -13.27
CA GLY A 126 -18.95 30.84 -13.42
C GLY A 126 -18.16 31.63 -14.44
N TYR A 127 -17.10 31.01 -14.96
CA TYR A 127 -16.19 31.68 -15.87
C TYR A 127 -16.86 31.92 -17.22
N MET A 128 -18.05 31.34 -17.44
CA MET A 128 -18.79 31.65 -18.66
C MET A 128 -20.24 31.22 -18.48
N SER A 129 -21.14 31.74 -19.32
CA SER A 129 -22.55 31.39 -19.19
C SER A 129 -22.68 29.87 -19.09
N ALA A 130 -23.53 29.36 -18.19
CA ALA A 130 -23.76 27.92 -18.15
C ALA A 130 -24.33 27.46 -19.49
N THR A 131 -25.05 28.32 -20.20
CA THR A 131 -25.54 27.93 -21.51
C THR A 131 -24.36 27.54 -22.38
N LEU A 132 -23.38 28.44 -22.50
CA LEU A 132 -22.22 28.22 -23.37
C LEU A 132 -21.38 27.06 -22.84
N GLY A 133 -21.43 26.87 -21.51
CA GLY A 133 -20.85 25.69 -20.89
C GLY A 133 -21.51 24.41 -21.39
N PHE A 134 -22.83 24.38 -21.33
CA PHE A 134 -23.58 23.22 -21.82
C PHE A 134 -23.22 22.98 -23.28
N ILE A 135 -23.30 24.02 -24.10
CA ILE A 135 -23.17 23.84 -25.53
C ILE A 135 -21.80 23.26 -25.83
N ILE A 136 -20.76 23.81 -25.21
CA ILE A 136 -19.42 23.34 -25.47
C ILE A 136 -19.27 21.92 -24.93
N GLY A 137 -19.88 21.62 -23.80
CA GLY A 137 -19.82 20.28 -23.26
C GLY A 137 -20.47 19.26 -24.19
N VAL A 138 -21.66 19.58 -24.70
CA VAL A 138 -22.42 18.65 -25.53
C VAL A 138 -21.70 18.48 -26.87
N VAL A 139 -21.08 19.53 -27.38
CA VAL A 139 -20.33 19.38 -28.61
C VAL A 139 -19.20 18.40 -28.37
N GLY A 140 -18.55 18.49 -27.21
CA GLY A 140 -17.47 17.59 -26.91
C GLY A 140 -17.95 16.13 -26.87
N TRP A 141 -19.08 15.90 -26.23
CA TRP A 141 -19.65 14.58 -26.14
C TRP A 141 -20.00 14.06 -27.53
N LEU A 142 -20.76 14.85 -28.28
CA LEU A 142 -21.25 14.39 -29.56
C LEU A 142 -20.10 14.08 -30.52
N TYR A 143 -18.97 14.75 -30.39
CA TYR A 143 -17.79 14.29 -31.10
C TYR A 143 -17.52 12.86 -30.66
N ILE A 144 -17.29 12.65 -29.36
CA ILE A 144 -16.84 11.35 -28.88
C ILE A 144 -17.82 10.30 -29.40
N LEU A 145 -19.12 10.57 -29.33
CA LEU A 145 -20.08 9.60 -29.81
C LEU A 145 -19.90 9.44 -31.31
N GLY A 146 -19.79 10.54 -32.05
CA GLY A 146 -19.51 10.50 -33.47
C GLY A 146 -18.29 9.63 -33.80
N GLU A 147 -17.23 9.74 -33.02
CA GLU A 147 -16.07 8.91 -33.28
C GLU A 147 -16.44 7.44 -33.20
N ILE A 148 -17.08 7.06 -32.10
CA ILE A 148 -17.18 5.66 -31.74
C ILE A 148 -18.38 5.04 -32.46
N TYR A 149 -19.26 5.85 -33.02
CA TYR A 149 -20.37 5.28 -33.78
C TYR A 149 -20.05 5.28 -35.27
N MET A 150 -19.48 6.35 -35.81
CA MET A 150 -19.32 6.47 -37.26
C MET A 150 -17.97 7.05 -37.63
N GLY A 151 -16.92 6.70 -36.88
CA GLY A 151 -15.59 7.24 -37.12
C GLY A 151 -14.55 6.13 -37.26
N GLU A 152 -13.29 6.51 -37.08
CA GLU A 152 -12.17 5.59 -37.25
C GLU A 152 -12.25 4.52 -36.16
N ALA A 153 -12.72 4.91 -34.99
CA ALA A 153 -12.84 3.93 -33.93
C ALA A 153 -13.87 2.87 -34.35
N SER A 154 -14.97 3.28 -34.97
CA SER A 154 -16.00 2.34 -35.35
C SER A 154 -15.53 1.44 -36.49
N ARG A 155 -14.84 2.02 -37.47
CA ARG A 155 -14.38 1.26 -38.62
C ARG A 155 -13.27 0.31 -38.21
N CYS A 156 -12.40 0.75 -37.30
CA CYS A 156 -11.33 -0.11 -36.80
C CYS A 156 -11.90 -1.30 -36.04
N ASN A 157 -12.97 -1.08 -35.31
CA ASN A 157 -13.65 -2.15 -34.60
C ASN A 157 -14.13 -3.20 -35.60
N ILE A 158 -14.85 -2.77 -36.63
CA ILE A 158 -15.41 -3.68 -37.63
C ILE A 158 -14.29 -4.50 -38.29
N GLU A 159 -13.14 -3.87 -38.57
CA GLU A 159 -12.08 -4.52 -39.31
C GLU A 159 -11.15 -5.33 -38.41
N SER A 160 -11.26 -5.18 -37.09
CA SER A 160 -10.42 -5.93 -36.17
C SER A 160 -10.65 -7.43 -36.34
N GLY A 161 -11.94 -7.82 -36.41
CA GLY A 161 -12.32 -9.23 -36.47
C GLY A 161 -12.30 -9.89 -35.10
N ASN A 162 -11.96 -9.11 -34.06
CA ASN A 162 -11.89 -9.60 -32.69
C ASN A 162 -13.32 -9.61 -32.15
N GLU A 163 -13.78 -10.76 -31.66
CA GLU A 163 -15.14 -10.86 -31.16
C GLU A 163 -15.21 -10.16 -29.81
N ALA A 164 -14.10 -10.17 -29.06
CA ALA A 164 -14.06 -9.53 -27.76
C ALA A 164 -14.16 -8.04 -27.95
N THR A 165 -13.37 -7.50 -28.87
CA THR A 165 -13.42 -6.09 -29.15
C THR A 165 -14.78 -5.68 -29.73
N HIS A 166 -15.49 -6.59 -30.39
CA HIS A 166 -16.83 -6.25 -30.81
C HIS A 166 -17.74 -6.08 -29.59
N MET A 167 -17.61 -6.97 -28.61
CA MET A 167 -18.53 -6.93 -27.49
C MET A 167 -18.21 -5.70 -26.64
N ALA A 168 -16.92 -5.44 -26.47
CA ALA A 168 -16.49 -4.31 -25.66
C ALA A 168 -17.09 -3.03 -26.21
N PHE A 169 -16.82 -2.77 -27.48
CA PHE A 169 -17.32 -1.60 -28.16
C PHE A 169 -18.82 -1.49 -27.97
N ASN A 170 -19.56 -2.57 -28.23
CA ASN A 170 -21.01 -2.45 -28.19
C ASN A 170 -21.45 -2.07 -26.78
N GLY A 171 -20.70 -2.53 -25.78
CA GLY A 171 -21.07 -2.33 -24.41
C GLY A 171 -20.63 -0.97 -23.93
N LEU A 172 -19.39 -0.59 -24.24
CA LEU A 172 -18.90 0.71 -23.84
C LEU A 172 -19.68 1.80 -24.57
N ARG A 173 -20.03 1.60 -25.85
CA ARG A 173 -20.71 2.66 -26.55
C ARG A 173 -22.11 2.86 -25.92
N LEU A 174 -22.65 1.84 -25.30
CA LEU A 174 -23.95 1.96 -24.68
C LEU A 174 -23.82 2.68 -23.34
N ILE A 175 -22.71 2.47 -22.65
CA ILE A 175 -22.49 3.19 -21.40
C ILE A 175 -22.33 4.67 -21.70
N LEU A 176 -21.53 4.99 -22.72
CA LEU A 176 -21.20 6.36 -23.06
C LEU A 176 -22.42 7.06 -23.63
N THR A 177 -23.46 6.31 -24.01
CA THR A 177 -24.59 6.96 -24.66
C THR A 177 -25.72 7.15 -23.67
N ILE A 178 -25.98 6.14 -22.85
CA ILE A 178 -27.11 6.18 -21.94
C ILE A 178 -26.59 6.57 -20.57
N GLY A 179 -25.64 5.81 -20.05
CA GLY A 179 -25.07 6.05 -18.74
C GLY A 179 -24.59 7.48 -18.58
N TRP A 180 -23.82 7.97 -19.54
CA TRP A 180 -23.17 9.26 -19.44
C TRP A 180 -24.15 10.37 -19.71
N ALA A 181 -25.40 10.04 -20.06
CA ALA A 181 -26.37 11.09 -20.36
C ALA A 181 -26.96 11.65 -19.07
N ILE A 182 -26.65 11.04 -17.93
CA ILE A 182 -27.15 11.53 -16.66
C ILE A 182 -26.47 12.85 -16.34
N TYR A 183 -25.17 12.93 -16.62
CA TYR A 183 -24.37 14.05 -16.14
C TYR A 183 -24.81 15.34 -16.82
N PRO A 184 -24.91 15.37 -18.15
CA PRO A 184 -25.42 16.53 -18.85
C PRO A 184 -26.80 16.88 -18.30
N LEU A 185 -27.66 15.88 -18.12
CA LEU A 185 -28.99 16.15 -17.61
C LEU A 185 -28.90 16.92 -16.30
N GLY A 186 -28.11 16.40 -15.36
CA GLY A 186 -27.87 17.03 -14.07
C GLY A 186 -27.49 18.49 -14.25
N TYR A 187 -26.54 18.71 -15.15
CA TYR A 187 -25.98 20.03 -15.36
C TYR A 187 -27.09 20.93 -15.83
N PHE A 188 -27.90 20.43 -16.76
CA PHE A 188 -28.96 21.23 -17.33
C PHE A 188 -29.93 21.65 -16.23
N ILE A 189 -30.42 20.67 -15.46
CA ILE A 189 -31.48 20.96 -14.49
C ILE A 189 -30.92 21.86 -13.39
N ASN A 190 -29.74 21.52 -12.88
CA ASN A 190 -29.12 22.31 -11.82
C ASN A 190 -28.81 23.74 -12.30
N ASN A 191 -28.22 23.90 -13.49
CA ASN A 191 -27.66 25.17 -13.91
C ASN A 191 -28.60 25.91 -14.86
N LEU A 192 -28.92 25.31 -15.99
CA LEU A 192 -29.72 25.99 -16.99
C LEU A 192 -31.19 25.96 -16.62
N GLY A 193 -31.57 25.11 -15.65
CA GLY A 193 -32.95 24.90 -15.30
C GLY A 193 -33.26 25.54 -13.95
N GLY A 194 -34.26 24.99 -13.25
CA GLY A 194 -34.67 25.51 -11.95
C GLY A 194 -33.57 25.37 -10.91
N GLY A 195 -32.95 24.19 -10.84
CA GLY A 195 -31.94 23.88 -9.84
C GLY A 195 -32.30 22.62 -9.07
N VAL A 196 -31.28 21.95 -8.53
CA VAL A 196 -31.46 20.75 -7.74
C VAL A 196 -30.69 20.95 -6.44
N ASP A 197 -31.27 20.53 -5.31
CA ASP A 197 -30.52 20.51 -4.06
C ASP A 197 -29.22 19.74 -4.31
N ALA A 198 -28.11 20.27 -3.82
CA ALA A 198 -26.81 19.64 -3.99
C ALA A 198 -26.79 18.27 -3.33
N ASN A 199 -27.55 18.12 -2.25
CA ASN A 199 -27.61 16.85 -1.54
C ASN A 199 -28.18 15.78 -2.46
N SER A 200 -29.26 16.13 -3.16
CA SER A 200 -29.92 15.19 -4.05
C SER A 200 -29.04 14.85 -5.24
N LEU A 201 -28.35 15.85 -5.77
CA LEU A 201 -27.52 15.69 -6.94
C LEU A 201 -26.25 14.95 -6.57
N ASN A 202 -25.79 15.08 -5.32
CA ASN A 202 -24.66 14.27 -4.87
C ASN A 202 -25.04 12.79 -4.79
N ILE A 203 -26.33 12.47 -4.61
CA ILE A 203 -26.73 11.07 -4.47
C ILE A 203 -26.79 10.46 -5.85
N ILE A 204 -27.46 11.17 -6.76
CA ILE A 204 -27.61 10.73 -8.14
C ILE A 204 -26.26 10.56 -8.81
N TYR A 205 -25.35 11.50 -8.59
CA TYR A 205 -24.06 11.38 -9.19
C TYR A 205 -23.27 10.25 -8.54
N ASN A 206 -23.42 10.07 -7.24
CA ASN A 206 -22.79 8.97 -6.55
C ASN A 206 -23.28 7.61 -7.07
N LEU A 207 -24.58 7.48 -7.28
CA LEU A 207 -25.10 6.23 -7.79
C LEU A 207 -24.73 6.02 -9.26
N THR A 208 -24.74 7.07 -10.06
CA THR A 208 -24.46 6.93 -11.46
C THR A 208 -23.00 6.56 -11.64
N ASP A 209 -22.13 7.06 -10.75
CA ASP A 209 -20.72 6.74 -10.82
C ASP A 209 -20.51 5.28 -10.50
N PHE A 210 -21.30 4.74 -9.60
CA PHE A 210 -21.19 3.34 -9.24
C PHE A 210 -21.48 2.46 -10.47
N LEU A 211 -22.46 2.85 -11.27
CA LEU A 211 -22.85 2.06 -12.43
C LEU A 211 -22.05 2.39 -13.70
N ASN A 212 -21.56 3.60 -13.83
CA ASN A 212 -20.87 4.00 -15.04
C ASN A 212 -19.37 3.73 -14.92
N LYS A 213 -18.95 3.17 -13.80
CA LYS A 213 -17.54 2.91 -13.61
C LYS A 213 -17.33 1.42 -13.34
N ILE A 214 -18.33 0.78 -12.74
CA ILE A 214 -18.26 -0.63 -12.52
C ILE A 214 -18.66 -1.34 -13.79
N ILE A 215 -19.82 -1.02 -14.36
CA ILE A 215 -20.20 -1.65 -15.60
C ILE A 215 -19.15 -1.38 -16.68
N PHE A 216 -18.54 -0.22 -16.68
CA PHE A 216 -17.50 0.01 -17.66
C PHE A 216 -16.36 -0.98 -17.45
N GLY A 217 -15.95 -1.15 -16.20
CA GLY A 217 -14.80 -1.95 -15.83
C GLY A 217 -15.05 -3.41 -16.14
N PHE A 218 -16.25 -3.87 -15.83
CA PHE A 218 -16.56 -5.26 -16.05
C PHE A 218 -16.73 -5.56 -17.53
N VAL A 219 -17.24 -4.62 -18.30
CA VAL A 219 -17.29 -4.81 -19.73
C VAL A 219 -15.90 -5.01 -20.26
N VAL A 220 -14.96 -4.14 -19.91
CA VAL A 220 -13.59 -4.21 -20.42
C VAL A 220 -12.90 -5.46 -19.89
N TYR A 221 -13.10 -5.79 -18.63
CA TYR A 221 -12.48 -6.98 -18.07
C TYR A 221 -12.97 -8.25 -18.78
N ARG A 222 -14.26 -8.39 -19.03
CA ARG A 222 -14.75 -9.53 -19.80
C ARG A 222 -14.13 -9.60 -21.19
N ALA A 223 -13.87 -8.46 -21.82
CA ALA A 223 -13.28 -8.49 -23.14
C ALA A 223 -11.86 -9.05 -23.05
N ALA A 224 -11.13 -8.67 -22.01
CA ALA A 224 -9.76 -9.09 -21.92
C ALA A 224 -9.66 -10.56 -21.54
N MET A 225 -10.61 -10.99 -20.71
CA MET A 225 -10.64 -12.34 -20.23
C MET A 225 -11.19 -13.21 -21.32
N ASN A 226 -12.07 -12.70 -22.17
CA ASN A 226 -12.68 -13.58 -23.14
C ASN A 226 -11.69 -13.79 -24.28
N ASP A 227 -11.00 -12.73 -24.64
CA ASP A 227 -10.05 -12.81 -25.72
C ASP A 227 -8.87 -13.68 -25.28
N THR A 228 -8.48 -13.57 -24.02
CA THR A 228 -7.34 -14.34 -23.57
C THR A 228 -7.66 -15.81 -23.78
N GLN A 229 -8.90 -16.19 -23.46
CA GLN A 229 -9.28 -17.59 -23.45
C GLN A 229 -9.45 -18.06 -24.87
N ALA A 230 -10.09 -17.24 -25.69
CA ALA A 230 -10.24 -17.54 -27.10
C ALA A 230 -8.91 -17.93 -27.72
N ARG A 231 -7.85 -17.19 -27.38
CA ARG A 231 -6.53 -17.48 -27.93
C ARG A 231 -6.04 -18.83 -27.41
N LEU A 232 -6.27 -19.13 -26.14
CA LEU A 232 -5.78 -20.37 -25.55
C LEU A 232 -6.53 -21.54 -26.16
N ASP A 233 -7.80 -21.32 -26.50
CA ASP A 233 -8.64 -22.37 -27.05
C ASP A 233 -8.21 -22.66 -28.49
N GLU A 234 -7.73 -21.63 -29.20
CA GLU A 234 -7.27 -21.84 -30.57
C GLU A 234 -5.87 -22.45 -30.57
N ILE A 235 -5.10 -22.19 -29.51
CA ILE A 235 -3.78 -22.80 -29.36
C ILE A 235 -3.97 -24.30 -29.15
N LYS A 236 -5.00 -24.68 -28.37
CA LYS A 236 -5.29 -26.08 -28.08
C LYS A 236 -5.72 -26.81 -29.36
N LYS A 237 -6.34 -26.07 -30.28
CA LYS A 237 -6.72 -26.61 -31.59
C LYS A 237 -5.64 -26.24 -32.62
N SER B 3 -13.52 -4.26 37.13
CA SER B 3 -14.53 -3.24 36.74
C SER B 3 -15.10 -3.54 35.35
N THR B 4 -16.25 -4.23 35.36
CA THR B 4 -16.83 -4.77 34.13
C THR B 4 -16.78 -3.71 33.02
N LEU B 5 -16.08 -4.04 31.93
CA LEU B 5 -16.05 -3.19 30.76
C LEU B 5 -17.48 -2.94 30.31
N LEU B 6 -17.73 -1.73 29.81
CA LEU B 6 -19.05 -1.32 29.36
C LEU B 6 -19.23 -1.73 27.90
N PRO B 7 -20.46 -2.10 27.47
CA PRO B 7 -20.71 -2.42 26.07
C PRO B 7 -20.09 -1.42 25.10
N THR B 8 -20.09 -0.13 25.48
CA THR B 8 -19.59 0.90 24.60
C THR B 8 -18.11 0.63 24.32
N ASP B 9 -17.41 0.10 25.35
CA ASP B 9 -15.98 -0.19 25.28
C ASP B 9 -15.74 -1.35 24.32
N ILE B 10 -16.61 -2.33 24.43
CA ILE B 10 -16.51 -3.53 23.63
C ILE B 10 -16.91 -3.20 22.20
N VAL B 11 -17.78 -2.20 21.99
CA VAL B 11 -18.19 -1.87 20.63
C VAL B 11 -17.00 -1.37 19.81
N GLY B 12 -16.27 -0.41 20.33
CA GLY B 12 -15.20 0.17 19.56
C GLY B 12 -13.96 -0.73 19.54
N GLY B 13 -13.92 -1.68 20.48
CA GLY B 13 -12.84 -2.64 20.49
C GLY B 13 -13.06 -3.64 19.37
N THR B 14 -14.28 -4.15 19.31
CA THR B 14 -14.60 -5.11 18.29
C THR B 14 -14.48 -4.48 16.91
N PHE B 15 -14.70 -3.18 16.75
CA PHE B 15 -14.54 -2.57 15.44
C PHE B 15 -13.09 -2.64 15.02
N TRP B 16 -12.16 -2.57 16.01
CA TRP B 16 -10.73 -2.63 15.73
C TRP B 16 -10.34 -4.06 15.36
N LEU B 17 -10.88 -4.99 16.14
CA LEU B 17 -10.63 -6.39 15.93
C LEU B 17 -10.96 -6.72 14.49
N LEU B 18 -12.12 -6.23 14.02
CA LEU B 18 -12.70 -6.67 12.77
C LEU B 18 -11.86 -6.10 11.67
N SER B 19 -11.43 -4.89 11.86
CA SER B 19 -10.60 -4.18 10.90
C SER B 19 -9.26 -4.87 10.71
N MET B 20 -8.66 -5.35 11.80
CA MET B 20 -7.37 -5.99 11.77
C MET B 20 -7.51 -7.38 11.15
N ALA B 21 -8.54 -8.12 11.59
CA ALA B 21 -8.69 -9.50 11.18
C ALA B 21 -8.91 -9.56 9.67
N LEU B 22 -9.65 -8.57 9.15
CA LEU B 22 -10.11 -8.58 7.79
C LEU B 22 -9.05 -8.02 6.87
N ILE B 23 -8.24 -7.09 7.34
CA ILE B 23 -7.09 -6.69 6.55
C ILE B 23 -6.06 -7.81 6.52
N GLY B 24 -5.95 -8.57 7.62
CA GLY B 24 -5.07 -9.70 7.64
C GLY B 24 -5.52 -10.78 6.68
N ALA B 25 -6.79 -11.15 6.74
CA ALA B 25 -7.28 -12.19 5.87
C ALA B 25 -7.17 -11.76 4.42
N SER B 26 -7.41 -10.48 4.17
CA SER B 26 -7.33 -9.99 2.84
C SER B 26 -5.93 -10.20 2.25
N ILE B 27 -4.88 -9.79 2.99
CA ILE B 27 -3.53 -9.86 2.47
C ILE B 27 -3.15 -11.31 2.30
N PHE B 28 -3.69 -12.16 3.16
CA PHE B 28 -3.28 -13.54 3.17
C PHE B 28 -3.84 -14.21 1.93
N PHE B 29 -5.06 -13.84 1.51
CA PHE B 29 -5.73 -14.52 0.43
C PHE B 29 -5.20 -13.96 -0.87
N LEU B 30 -4.76 -12.71 -0.86
CA LEU B 30 -4.28 -12.09 -2.07
C LEU B 30 -2.86 -12.53 -2.33
N LEU B 31 -2.12 -12.90 -1.28
CA LEU B 31 -0.75 -13.34 -1.43
C LEU B 31 -0.70 -14.81 -1.78
N GLU B 32 -1.67 -15.58 -1.30
CA GLU B 32 -1.73 -16.99 -1.60
C GLU B 32 -2.45 -17.24 -2.91
N ARG B 33 -2.80 -16.20 -3.66
CA ARG B 33 -3.52 -16.41 -4.91
C ARG B 33 -2.55 -16.88 -5.98
N ASN B 34 -1.26 -16.72 -5.71
CA ASN B 34 -0.24 -17.04 -6.70
C ASN B 34 0.20 -18.50 -6.57
N ARG B 35 -0.32 -19.20 -5.56
N ARG B 35 -0.32 -19.20 -5.56
CA ARG B 35 0.10 -20.55 -5.25
CA ARG B 35 0.12 -20.56 -5.30
C ARG B 35 -1.00 -21.55 -5.58
C ARG B 35 -1.00 -21.55 -5.57
N VAL B 36 -2.19 -21.07 -5.91
CA VAL B 36 -3.26 -21.95 -6.33
C VAL B 36 -3.17 -22.11 -7.85
N ASP B 37 -3.65 -23.25 -8.36
CA ASP B 37 -3.80 -23.44 -9.79
C ASP B 37 -4.48 -22.19 -10.40
N GLY B 38 -4.11 -21.82 -11.61
CA GLY B 38 -4.60 -20.60 -12.20
C GLY B 38 -6.12 -20.59 -12.34
N ARG B 39 -6.77 -21.75 -12.39
CA ARG B 39 -8.22 -21.75 -12.53
C ARG B 39 -8.83 -21.15 -11.27
N TRP B 40 -8.09 -21.14 -10.15
CA TRP B 40 -8.58 -20.60 -8.90
C TRP B 40 -8.13 -19.15 -8.66
N HIS B 41 -7.60 -18.43 -9.64
CA HIS B 41 -7.03 -17.12 -9.36
C HIS B 41 -8.11 -16.05 -9.11
N THR B 42 -9.21 -16.09 -9.86
CA THR B 42 -10.31 -15.15 -9.69
C THR B 42 -11.02 -15.46 -8.39
N THR B 43 -11.12 -16.71 -8.02
CA THR B 43 -11.75 -17.05 -6.76
C THR B 43 -11.00 -16.42 -5.61
N MET B 44 -9.68 -16.45 -5.70
CA MET B 44 -8.82 -15.97 -4.64
C MET B 44 -8.71 -14.45 -4.68
N THR B 45 -8.94 -13.85 -5.86
CA THR B 45 -8.85 -12.41 -5.98
C THR B 45 -10.13 -11.79 -5.48
N LEU B 46 -11.24 -12.45 -5.72
CA LEU B 46 -12.50 -12.02 -5.18
C LEU B 46 -12.55 -12.25 -3.66
N LEU B 47 -11.90 -13.30 -3.18
CA LEU B 47 -11.89 -13.50 -1.75
C LEU B 47 -11.10 -12.39 -1.07
N GLY B 48 -9.92 -12.08 -1.56
CA GLY B 48 -9.15 -11.06 -0.90
C GLY B 48 -9.82 -9.69 -0.99
N VAL B 49 -10.48 -9.38 -2.11
CA VAL B 49 -11.08 -8.08 -2.30
C VAL B 49 -12.37 -7.97 -1.50
N THR B 50 -13.06 -9.06 -1.28
CA THR B 50 -14.19 -8.99 -0.39
C THR B 50 -13.73 -8.57 0.99
N MET B 51 -12.66 -9.19 1.50
CA MET B 51 -12.20 -8.90 2.84
C MET B 51 -11.67 -7.47 2.93
N LEU B 52 -10.99 -6.99 1.89
CA LEU B 52 -10.48 -5.63 1.88
C LEU B 52 -11.63 -4.62 1.95
N ILE B 53 -12.73 -4.89 1.25
CA ILE B 53 -13.83 -3.97 1.23
C ILE B 53 -14.41 -3.92 2.61
N SER B 54 -14.55 -5.05 3.28
CA SER B 54 -15.12 -5.04 4.59
C SER B 54 -14.17 -4.37 5.57
N ALA B 55 -12.86 -4.52 5.41
CA ALA B 55 -11.91 -3.90 6.30
C ALA B 55 -11.98 -2.39 6.21
N ILE B 56 -12.23 -1.88 5.01
CA ILE B 56 -12.29 -0.45 4.79
C ILE B 56 -13.56 0.05 5.43
N PHE B 57 -14.61 -0.75 5.42
CA PHE B 57 -15.82 -0.31 6.05
C PHE B 57 -15.53 -0.10 7.52
N TYR B 58 -14.90 -1.08 8.16
CA TYR B 58 -14.71 -1.03 9.60
C TYR B 58 -13.74 0.08 9.95
N TYR B 59 -12.83 0.43 9.03
CA TYR B 59 -11.97 1.57 9.28
C TYR B 59 -12.80 2.85 9.31
N TYR B 60 -13.72 3.02 8.37
CA TYR B 60 -14.62 4.16 8.40
C TYR B 60 -15.44 4.17 9.68
N VAL B 61 -15.97 3.03 10.08
CA VAL B 61 -16.93 3.05 11.15
C VAL B 61 -16.20 3.32 12.45
N GLN B 62 -14.98 2.84 12.58
CA GLN B 62 -14.30 3.04 13.85
C GLN B 62 -14.02 4.53 14.01
N GLY B 63 -13.75 5.24 12.92
CA GLY B 63 -13.59 6.67 12.96
C GLY B 63 -14.87 7.38 13.45
N MET B 64 -16.00 7.01 12.87
CA MET B 64 -17.27 7.58 13.27
C MET B 64 -17.54 7.31 14.75
N TRP B 65 -17.07 6.17 15.27
CA TRP B 65 -17.35 5.82 16.65
C TRP B 65 -16.46 6.66 17.55
N VAL B 66 -15.17 6.70 17.21
CA VAL B 66 -14.20 7.40 18.02
C VAL B 66 -14.61 8.86 18.16
N ASP B 67 -15.14 9.44 17.08
CA ASP B 67 -15.49 10.85 17.07
C ASP B 67 -16.86 11.04 17.70
N THR B 68 -17.90 10.55 17.03
CA THR B 68 -19.26 10.88 17.39
C THR B 68 -19.71 10.03 18.58
N GLY B 69 -19.15 8.84 18.72
CA GLY B 69 -19.56 7.90 19.75
C GLY B 69 -20.79 7.08 19.38
N LYS B 70 -21.28 7.27 18.15
CA LYS B 70 -22.45 6.55 17.66
C LYS B 70 -22.07 5.85 16.36
N ALA B 71 -22.61 4.66 16.15
CA ALA B 71 -22.45 3.96 14.88
C ALA B 71 -23.75 3.23 14.57
N PRO B 72 -24.67 3.84 13.81
CA PRO B 72 -25.96 3.21 13.55
C PRO B 72 -25.87 1.88 12.78
N ILE B 73 -26.94 1.11 12.80
CA ILE B 73 -26.92 -0.23 12.23
C ILE B 73 -27.30 -0.16 10.76
N VAL B 74 -27.75 1.00 10.29
CA VAL B 74 -28.12 1.16 8.89
C VAL B 74 -26.82 1.42 8.13
N LEU B 75 -25.74 1.68 8.85
CA LEU B 75 -24.49 1.87 8.15
C LEU B 75 -24.07 0.55 7.52
N ARG B 76 -24.57 -0.57 8.05
CA ARG B 76 -24.06 -1.85 7.63
C ARG B 76 -24.38 -2.09 6.15
N TYR B 77 -25.54 -1.59 5.71
CA TYR B 77 -26.00 -1.90 4.39
C TYR B 77 -25.06 -1.35 3.32
N LEU B 78 -24.15 -0.44 3.66
CA LEU B 78 -23.10 -0.13 2.70
C LEU B 78 -22.16 -1.33 2.47
N ASP B 79 -21.65 -1.88 3.55
CA ASP B 79 -20.80 -3.06 3.43
C ASP B 79 -21.60 -4.17 2.77
N TRP B 80 -22.79 -4.48 3.29
CA TRP B 80 -23.52 -5.63 2.83
C TRP B 80 -23.84 -5.52 1.36
N ILE B 81 -24.25 -4.37 0.89
CA ILE B 81 -24.62 -4.30 -0.51
C ILE B 81 -23.42 -4.73 -1.35
N LEU B 82 -22.21 -4.41 -0.90
CA LEU B 82 -21.02 -4.78 -1.65
C LEU B 82 -20.71 -6.25 -1.38
N THR B 83 -20.50 -6.60 -0.11
CA THR B 83 -19.86 -7.84 0.24
C THR B 83 -20.80 -9.05 0.23
N VAL B 84 -22.08 -8.87 0.49
CA VAL B 84 -23.02 -9.98 0.34
C VAL B 84 -23.12 -10.38 -1.12
N SER B 85 -23.10 -9.39 -2.02
CA SER B 85 -23.15 -9.63 -3.44
C SER B 85 -21.98 -10.50 -3.85
N MET B 86 -20.79 -10.09 -3.41
CA MET B 86 -19.59 -10.80 -3.78
C MET B 86 -19.60 -12.22 -3.22
N GLN B 87 -20.11 -12.43 -2.01
CA GLN B 87 -20.15 -13.75 -1.43
C GLN B 87 -21.13 -14.66 -2.15
N VAL B 88 -22.22 -14.13 -2.66
CA VAL B 88 -23.17 -15.01 -3.31
C VAL B 88 -22.67 -15.36 -4.70
N VAL B 89 -21.90 -14.47 -5.29
CA VAL B 89 -21.32 -14.71 -6.60
C VAL B 89 -20.19 -15.74 -6.51
N MET B 90 -19.56 -15.85 -5.33
CA MET B 90 -18.51 -16.82 -5.17
C MET B 90 -19.03 -18.21 -5.56
N PHE B 91 -20.30 -18.54 -5.38
CA PHE B 91 -20.76 -19.85 -5.79
C PHE B 91 -20.64 -20.03 -7.30
N TYR B 92 -20.88 -18.98 -8.05
CA TYR B 92 -20.67 -19.06 -9.49
C TYR B 92 -19.19 -19.11 -9.82
N VAL B 93 -18.39 -18.20 -9.26
CA VAL B 93 -16.98 -18.12 -9.62
C VAL B 93 -16.29 -19.46 -9.37
N ILE B 94 -16.67 -20.13 -8.28
CA ILE B 94 -16.07 -21.40 -7.92
C ILE B 94 -16.47 -22.46 -8.93
N LEU B 95 -17.73 -22.45 -9.37
CA LEU B 95 -18.16 -23.49 -10.28
C LEU B 95 -17.49 -23.31 -11.63
N THR B 96 -17.34 -22.06 -12.06
CA THR B 96 -16.72 -21.83 -13.35
C THR B 96 -15.24 -22.22 -13.28
N ALA B 97 -14.67 -22.30 -12.07
CA ALA B 97 -13.30 -22.77 -11.94
C ALA B 97 -13.19 -24.22 -12.40
N VAL B 98 -14.24 -25.02 -12.23
CA VAL B 98 -14.02 -26.45 -12.29
C VAL B 98 -14.97 -27.11 -13.27
N THR B 99 -15.98 -26.35 -13.75
CA THR B 99 -17.01 -26.95 -14.58
C THR B 99 -17.56 -25.86 -15.49
N LYS B 100 -18.60 -26.21 -16.27
CA LYS B 100 -19.24 -25.28 -17.19
C LYS B 100 -20.64 -24.99 -16.67
N VAL B 101 -20.92 -23.70 -16.43
CA VAL B 101 -22.19 -23.30 -15.86
C VAL B 101 -22.74 -22.13 -16.66
N SER B 102 -24.06 -22.07 -16.82
CA SER B 102 -24.69 -20.95 -17.53
C SER B 102 -24.35 -19.63 -16.85
N SER B 103 -24.20 -18.57 -17.63
CA SER B 103 -23.91 -17.25 -17.07
C SER B 103 -25.12 -16.70 -16.33
N ALA B 104 -26.31 -17.19 -16.70
CA ALA B 104 -27.58 -16.87 -16.06
C ALA B 104 -27.55 -17.08 -14.56
N LEU B 105 -26.88 -18.15 -14.12
CA LEU B 105 -26.73 -18.36 -12.70
C LEU B 105 -26.10 -17.12 -12.08
N PHE B 106 -25.09 -16.51 -12.72
CA PHE B 106 -24.49 -15.33 -12.14
C PHE B 106 -25.59 -14.32 -11.82
N TRP B 107 -26.47 -14.03 -12.77
CA TRP B 107 -27.44 -12.96 -12.57
C TRP B 107 -28.54 -13.40 -11.61
N ARG B 108 -28.98 -14.65 -11.63
CA ARG B 108 -29.96 -15.05 -10.64
C ARG B 108 -29.40 -14.83 -9.22
N LEU B 109 -28.18 -15.29 -8.99
CA LEU B 109 -27.56 -15.14 -7.70
C LEU B 109 -27.40 -13.68 -7.32
N LEU B 110 -26.83 -12.82 -8.20
CA LEU B 110 -26.59 -11.42 -7.86
C LEU B 110 -27.90 -10.71 -7.58
N ILE B 111 -28.86 -10.83 -8.48
CA ILE B 111 -30.15 -10.18 -8.28
C ILE B 111 -30.76 -10.66 -6.96
N GLY B 112 -30.48 -11.91 -6.59
CA GLY B 112 -31.06 -12.43 -5.35
C GLY B 112 -30.49 -11.73 -4.12
N ALA B 113 -29.18 -11.49 -4.16
CA ALA B 113 -28.48 -10.76 -3.12
C ALA B 113 -28.96 -9.31 -3.09
N LEU B 114 -29.08 -8.70 -4.25
CA LEU B 114 -29.47 -7.30 -4.27
C LEU B 114 -30.87 -7.12 -3.68
N VAL B 115 -31.76 -8.09 -3.88
CA VAL B 115 -33.09 -7.96 -3.32
C VAL B 115 -33.06 -8.10 -1.81
N MET B 116 -32.26 -9.04 -1.30
CA MET B 116 -32.13 -9.27 0.14
C MET B 116 -31.66 -8.00 0.86
N VAL B 117 -30.55 -7.39 0.41
CA VAL B 117 -30.00 -6.26 1.11
C VAL B 117 -30.87 -5.03 0.88
N ILE B 118 -31.28 -4.79 -0.36
CA ILE B 118 -32.02 -3.57 -0.65
C ILE B 118 -33.38 -3.65 0.02
N GLY B 119 -34.01 -4.83 0.00
CA GLY B 119 -35.28 -5.01 0.68
C GLY B 119 -35.20 -4.67 2.16
N GLY B 120 -34.12 -5.06 2.83
CA GLY B 120 -33.95 -4.75 4.23
C GLY B 120 -33.54 -3.29 4.44
N PHE B 121 -32.73 -2.71 3.55
CA PHE B 121 -32.35 -1.31 3.67
C PHE B 121 -33.58 -0.45 3.63
N LEU B 122 -34.45 -0.67 2.64
CA LEU B 122 -35.66 0.12 2.53
C LEU B 122 -36.48 0.04 3.82
N GLY B 123 -36.54 -1.14 4.43
CA GLY B 123 -37.24 -1.26 5.69
C GLY B 123 -36.50 -0.67 6.91
N ALA B 124 -35.18 -0.61 6.88
CA ALA B 124 -34.41 -0.04 7.97
C ALA B 124 -34.30 1.48 7.87
N ALA B 125 -34.17 1.99 6.64
CA ALA B 125 -33.99 3.41 6.40
C ALA B 125 -35.31 4.15 6.63
N GLY B 126 -36.45 3.46 6.45
CA GLY B 126 -37.75 4.04 6.74
C GLY B 126 -38.57 4.25 5.47
N TYR B 127 -37.96 3.94 4.33
CA TYR B 127 -38.57 4.16 3.04
C TYR B 127 -39.74 3.19 2.84
N MET B 128 -39.90 2.19 3.70
CA MET B 128 -41.07 1.32 3.63
C MET B 128 -41.22 0.56 4.94
N SER B 129 -42.41 0.00 5.20
CA SER B 129 -42.63 -0.72 6.45
C SER B 129 -41.49 -1.71 6.66
N ALA B 130 -40.99 -1.82 7.89
CA ALA B 130 -39.99 -2.83 8.18
C ALA B 130 -40.56 -4.21 7.90
N THR B 131 -41.86 -4.39 8.06
CA THR B 131 -42.45 -5.69 7.74
C THR B 131 -42.15 -6.02 6.29
N LEU B 132 -42.49 -5.10 5.37
CA LEU B 132 -42.31 -5.33 3.95
C LEU B 132 -40.82 -5.41 3.60
N GLY B 133 -39.99 -4.73 4.40
CA GLY B 133 -38.56 -4.86 4.33
C GLY B 133 -38.13 -6.29 4.65
N PHE B 134 -38.60 -6.82 5.78
CA PHE B 134 -38.29 -8.18 6.15
C PHE B 134 -38.72 -9.14 5.05
N ILE B 135 -39.97 -9.01 4.60
CA ILE B 135 -40.52 -9.99 3.70
C ILE B 135 -39.68 -10.00 2.41
N ILE B 136 -39.37 -8.82 1.89
CA ILE B 136 -38.62 -8.75 0.66
C ILE B 136 -37.20 -9.28 0.89
N GLY B 137 -36.63 -9.00 2.05
CA GLY B 137 -35.30 -9.52 2.36
C GLY B 137 -35.28 -11.03 2.42
N VAL B 138 -36.27 -11.64 3.10
CA VAL B 138 -36.31 -13.08 3.29
C VAL B 138 -36.59 -13.76 1.96
N VAL B 139 -37.41 -13.15 1.12
CA VAL B 139 -37.65 -13.73 -0.19
C VAL B 139 -36.34 -13.76 -0.97
N GLY B 140 -35.55 -12.71 -0.84
CA GLY B 140 -34.27 -12.67 -1.53
C GLY B 140 -33.36 -13.79 -1.06
N TRP B 141 -33.30 -14.00 0.25
CA TRP B 141 -32.50 -15.04 0.83
C TRP B 141 -32.97 -16.40 0.36
N LEU B 142 -34.26 -16.67 0.51
CA LEU B 142 -34.79 -17.97 0.21
C LEU B 142 -34.59 -18.34 -1.26
N TYR B 143 -34.57 -17.35 -2.15
CA TYR B 143 -34.11 -17.63 -3.50
C TYR B 143 -32.69 -18.19 -3.41
N ILE B 144 -31.76 -17.40 -2.84
CA ILE B 144 -30.36 -17.77 -2.88
C ILE B 144 -30.23 -19.17 -2.31
N LEU B 145 -30.91 -19.47 -1.21
CA LEU B 145 -30.81 -20.80 -0.64
C LEU B 145 -31.40 -21.79 -1.62
N GLY B 146 -32.58 -21.50 -2.18
CA GLY B 146 -33.18 -22.33 -3.20
C GLY B 146 -32.21 -22.63 -4.35
N GLU B 147 -31.45 -21.64 -4.80
CA GLU B 147 -30.53 -21.91 -5.90
C GLU B 147 -29.49 -22.93 -5.46
N ILE B 148 -28.88 -22.71 -4.30
CA ILE B 148 -27.68 -23.45 -3.94
C ILE B 148 -28.07 -24.79 -3.34
N TYR B 149 -29.33 -24.99 -2.98
CA TYR B 149 -29.73 -26.28 -2.45
C TYR B 149 -30.39 -27.11 -3.54
N MET B 150 -31.26 -26.52 -4.37
CA MET B 150 -32.08 -27.30 -5.28
C MET B 150 -32.12 -26.70 -6.68
N GLY B 151 -31.11 -25.93 -7.07
CA GLY B 151 -31.12 -25.21 -8.33
C GLY B 151 -29.95 -25.62 -9.22
N GLU B 152 -29.65 -24.75 -10.19
CA GLU B 152 -28.61 -25.04 -11.17
C GLU B 152 -27.26 -25.08 -10.45
N ALA B 153 -27.11 -24.25 -9.42
CA ALA B 153 -25.86 -24.27 -8.70
C ALA B 153 -25.68 -25.63 -8.04
N SER B 154 -26.74 -26.22 -7.49
CA SER B 154 -26.63 -27.49 -6.80
C SER B 154 -26.37 -28.61 -7.80
N ARG B 155 -27.06 -28.59 -8.94
CA ARG B 155 -26.90 -29.64 -9.92
C ARG B 155 -25.54 -29.53 -10.58
N CYS B 156 -25.06 -28.32 -10.83
CA CYS B 156 -23.74 -28.13 -11.41
C CYS B 156 -22.65 -28.64 -10.47
N ASN B 157 -22.85 -28.46 -9.18
CA ASN B 157 -21.92 -28.98 -8.19
C ASN B 157 -21.84 -30.51 -8.31
N ILE B 158 -23.00 -31.18 -8.31
CA ILE B 158 -23.04 -32.63 -8.39
C ILE B 158 -22.33 -33.14 -9.66
N GLU B 159 -22.51 -32.43 -10.78
CA GLU B 159 -21.98 -32.89 -12.06
C GLU B 159 -20.53 -32.47 -12.28
N SER B 160 -19.99 -31.57 -11.44
CA SER B 160 -18.61 -31.16 -11.57
C SER B 160 -17.67 -32.35 -11.40
N GLY B 161 -17.93 -33.17 -10.37
CA GLY B 161 -17.08 -34.30 -10.02
C GLY B 161 -15.86 -33.86 -9.22
N ASN B 162 -15.76 -32.54 -8.95
CA ASN B 162 -14.63 -31.97 -8.22
C ASN B 162 -14.91 -32.20 -6.73
N GLU B 163 -13.97 -32.83 -6.03
CA GLU B 163 -14.17 -33.12 -4.63
C GLU B 163 -14.00 -31.84 -3.84
N ALA B 164 -13.16 -30.92 -4.35
CA ALA B 164 -12.94 -29.67 -3.66
C ALA B 164 -14.20 -28.83 -3.73
N THR B 165 -14.77 -28.76 -4.92
CA THR B 165 -16.00 -28.01 -5.10
C THR B 165 -17.14 -28.68 -4.34
N HIS B 166 -17.09 -29.98 -4.06
CA HIS B 166 -18.10 -30.56 -3.21
C HIS B 166 -17.94 -30.03 -1.79
N MET B 167 -16.71 -29.94 -1.29
CA MET B 167 -16.54 -29.58 0.10
C MET B 167 -16.89 -28.11 0.26
N ALA B 168 -16.46 -27.30 -0.71
CA ALA B 168 -16.70 -25.87 -0.64
C ALA B 168 -18.19 -25.60 -0.55
N PHE B 169 -18.92 -26.13 -1.52
CA PHE B 169 -20.35 -25.98 -1.56
C PHE B 169 -20.98 -26.38 -0.25
N ASN B 170 -20.62 -27.56 0.28
CA ASN B 170 -21.29 -28.03 1.48
C ASN B 170 -21.01 -27.07 2.62
N GLY B 171 -19.85 -26.45 2.60
CA GLY B 171 -19.44 -25.60 3.69
C GLY B 171 -20.01 -24.21 3.53
N LEU B 172 -19.97 -23.67 2.33
CA LEU B 172 -20.55 -22.36 2.10
C LEU B 172 -22.07 -22.44 2.28
N ARG B 173 -22.71 -23.52 1.85
CA ARG B 173 -24.15 -23.63 2.03
C ARG B 173 -24.53 -23.58 3.51
N LEU B 174 -23.64 -24.08 4.35
CA LEU B 174 -23.91 -24.14 5.76
C LEU B 174 -23.70 -22.75 6.37
N ILE B 175 -22.75 -22.00 5.84
CA ILE B 175 -22.55 -20.65 6.34
C ILE B 175 -23.76 -19.80 5.99
N LEU B 176 -24.22 -19.91 4.73
CA LEU B 176 -25.31 -19.09 4.22
C LEU B 176 -26.62 -19.50 4.88
N THR B 177 -26.66 -20.65 5.55
CA THR B 177 -27.93 -21.09 6.10
C THR B 177 -28.00 -20.80 7.59
N ILE B 178 -26.90 -21.05 8.30
CA ILE B 178 -26.91 -20.89 9.74
C ILE B 178 -26.28 -19.55 10.06
N GLY B 179 -25.05 -19.34 9.59
CA GLY B 179 -24.31 -18.12 9.86
C GLY B 179 -25.13 -16.88 9.49
N TRP B 180 -25.69 -16.85 8.29
CA TRP B 180 -26.35 -15.68 7.76
C TRP B 180 -27.72 -15.53 8.38
N ALA B 181 -28.15 -16.48 9.22
CA ALA B 181 -29.47 -16.36 9.81
C ALA B 181 -29.47 -15.42 11.00
N ILE B 182 -28.28 -14.97 11.42
CA ILE B 182 -28.18 -14.04 12.52
C ILE B 182 -28.75 -12.69 12.08
N TYR B 183 -28.45 -12.29 10.84
CA TYR B 183 -28.73 -10.93 10.41
C TYR B 183 -30.23 -10.70 10.34
N PRO B 184 -30.99 -11.58 9.67
CA PRO B 184 -32.43 -11.50 9.67
C PRO B 184 -32.95 -11.45 11.10
N LEU B 185 -32.44 -12.32 11.96
CA LEU B 185 -32.89 -12.35 13.34
C LEU B 185 -32.76 -10.96 13.95
N GLY B 186 -31.55 -10.39 13.85
CA GLY B 186 -31.26 -9.05 14.33
C GLY B 186 -32.31 -8.07 13.84
N TYR B 187 -32.58 -8.11 12.55
CA TYR B 187 -33.45 -7.15 11.93
C TYR B 187 -34.82 -7.31 12.54
N PHE B 188 -35.25 -8.56 12.70
CA PHE B 188 -36.58 -8.82 13.24
C PHE B 188 -36.69 -8.24 14.63
N ILE B 189 -35.74 -8.57 15.51
CA ILE B 189 -35.85 -8.19 16.90
C ILE B 189 -35.74 -6.66 17.02
N ASN B 190 -34.75 -6.07 16.34
CA ASN B 190 -34.55 -4.64 16.39
C ASN B 190 -35.76 -3.88 15.83
N ASN B 191 -36.30 -4.32 14.68
CA ASN B 191 -37.27 -3.52 13.93
C ASN B 191 -38.69 -4.04 14.15
N LEU B 192 -38.95 -5.29 13.76
CA LEU B 192 -40.30 -5.82 13.83
C LEU B 192 -40.67 -6.20 15.26
N GLY B 193 -39.66 -6.25 16.14
CA GLY B 193 -39.85 -6.72 17.50
C GLY B 193 -39.72 -5.56 18.49
N GLY B 194 -39.27 -5.88 19.71
CA GLY B 194 -39.14 -4.88 20.76
C GLY B 194 -38.06 -3.84 20.44
N GLY B 195 -36.88 -4.34 20.05
CA GLY B 195 -35.73 -3.48 19.80
C GLY B 195 -34.51 -3.95 20.58
N VAL B 196 -33.32 -3.67 20.06
CA VAL B 196 -32.07 -3.96 20.75
C VAL B 196 -31.27 -2.66 20.79
N ASP B 197 -30.61 -2.39 21.92
CA ASP B 197 -29.67 -1.30 21.98
C ASP B 197 -28.70 -1.46 20.81
N ALA B 198 -28.41 -0.36 20.11
CA ALA B 198 -27.51 -0.42 18.97
C ALA B 198 -26.09 -0.78 19.42
N ASN B 199 -25.79 -0.63 20.70
CA ASN B 199 -24.47 -0.97 21.21
C ASN B 199 -24.35 -2.48 21.28
N SER B 200 -25.45 -3.17 21.56
CA SER B 200 -25.42 -4.60 21.72
C SER B 200 -25.50 -5.28 20.35
N LEU B 201 -26.22 -4.64 19.43
CA LEU B 201 -26.41 -5.17 18.10
C LEU B 201 -25.15 -4.94 17.30
N ASN B 202 -24.38 -3.88 17.62
CA ASN B 202 -23.08 -3.71 16.98
C ASN B 202 -22.09 -4.78 17.43
N ILE B 203 -22.30 -5.43 18.60
CA ILE B 203 -21.35 -6.42 19.08
C ILE B 203 -21.63 -7.71 18.34
N ILE B 204 -22.90 -8.09 18.35
CA ILE B 204 -23.35 -9.31 17.72
C ILE B 204 -23.01 -9.31 16.23
N TYR B 205 -23.24 -8.17 15.58
CA TYR B 205 -22.96 -8.10 14.18
C TYR B 205 -21.45 -8.11 13.95
N ASN B 206 -20.69 -7.46 14.81
CA ASN B 206 -19.24 -7.50 14.73
C ASN B 206 -18.69 -8.90 14.90
N LEU B 207 -19.23 -9.66 15.84
CA LEU B 207 -18.75 -11.01 16.03
C LEU B 207 -19.21 -11.94 14.89
N THR B 208 -20.43 -11.75 14.42
CA THR B 208 -20.94 -12.63 13.40
C THR B 208 -20.18 -12.38 12.10
N ASP B 209 -19.74 -11.14 11.89
CA ASP B 209 -18.98 -10.82 10.69
C ASP B 209 -17.63 -11.50 10.75
N PHE B 210 -17.07 -11.58 11.94
CA PHE B 210 -15.78 -12.24 12.11
C PHE B 210 -15.89 -13.72 11.70
N LEU B 211 -17.00 -14.37 12.02
CA LEU B 211 -17.15 -15.78 11.71
C LEU B 211 -17.76 -16.04 10.33
N ASN B 212 -18.54 -15.13 9.80
CA ASN B 212 -19.20 -15.37 8.52
C ASN B 212 -18.35 -14.87 7.38
N LYS B 213 -17.17 -14.35 7.69
CA LYS B 213 -16.31 -13.83 6.64
C LYS B 213 -14.98 -14.55 6.69
N ILE B 214 -14.57 -14.96 7.87
CA ILE B 214 -13.34 -15.71 8.02
C ILE B 214 -13.62 -17.15 7.66
N ILE B 215 -14.60 -17.77 8.29
CA ILE B 215 -14.93 -19.15 7.94
C ILE B 215 -15.30 -19.25 6.46
N PHE B 216 -15.94 -18.25 5.90
CA PHE B 216 -16.22 -18.32 4.48
C PHE B 216 -14.91 -18.37 3.70
N GLY B 217 -13.97 -17.51 4.07
CA GLY B 217 -12.71 -17.35 3.36
C GLY B 217 -11.88 -18.60 3.47
N PHE B 218 -11.84 -19.19 4.65
CA PHE B 218 -11.03 -20.37 4.83
C PHE B 218 -11.65 -21.57 4.14
N VAL B 219 -12.97 -21.65 4.10
CA VAL B 219 -13.59 -22.71 3.35
C VAL B 219 -13.16 -22.62 1.89
N VAL B 220 -13.27 -21.45 1.29
CA VAL B 220 -12.95 -21.28 -0.13
C VAL B 220 -11.44 -21.47 -0.35
N TYR B 221 -10.61 -20.97 0.54
CA TYR B 221 -9.18 -21.15 0.39
C TYR B 221 -8.79 -22.62 0.44
N ARG B 222 -9.33 -23.40 1.38
CA ARG B 222 -9.06 -24.82 1.39
C ARG B 222 -9.49 -25.52 0.10
N ALA B 223 -10.57 -25.08 -0.50
CA ALA B 223 -11.01 -25.69 -1.75
C ALA B 223 -9.98 -25.42 -2.84
N ALA B 224 -9.44 -24.22 -2.87
CA ALA B 224 -8.54 -23.88 -3.94
C ALA B 224 -7.19 -24.57 -3.74
N MET B 225 -6.80 -24.70 -2.47
CA MET B 225 -5.54 -25.29 -2.13
C MET B 225 -5.67 -26.79 -2.25
N ASN B 226 -6.85 -27.35 -2.01
CA ASN B 226 -6.94 -28.80 -2.04
C ASN B 226 -7.00 -29.26 -3.48
N ASP B 227 -7.70 -28.50 -4.29
CA ASP B 227 -7.83 -28.86 -5.70
C ASP B 227 -6.49 -28.67 -6.38
N THR B 228 -5.75 -27.64 -5.99
CA THR B 228 -4.48 -27.40 -6.63
C THR B 228 -3.62 -28.63 -6.43
N GLN B 229 -3.66 -29.18 -5.22
CA GLN B 229 -2.76 -30.26 -4.85
C GLN B 229 -3.22 -31.53 -5.51
N ALA B 230 -4.52 -31.78 -5.48
CA ALA B 230 -5.09 -32.93 -6.15
C ALA B 230 -4.59 -33.02 -7.59
N ARG B 231 -4.53 -31.89 -8.28
CA ARG B 231 -4.08 -31.89 -9.67
C ARG B 231 -2.60 -32.25 -9.72
N LEU B 232 -1.80 -31.73 -8.79
CA LEU B 232 -0.37 -31.98 -8.81
C LEU B 232 -0.10 -33.44 -8.51
N ASP B 233 -0.95 -34.03 -7.66
CA ASP B 233 -0.79 -35.42 -7.27
C ASP B 233 -1.16 -36.35 -8.42
N GLU B 234 -2.10 -35.92 -9.27
CA GLU B 234 -2.50 -36.72 -10.41
C GLU B 234 -1.47 -36.54 -11.55
N ILE B 235 -0.81 -35.38 -11.58
CA ILE B 235 0.26 -35.14 -12.55
C ILE B 235 1.43 -36.08 -12.22
N LYS B 236 1.71 -36.26 -10.92
CA LYS B 236 2.80 -37.12 -10.47
C LYS B 236 2.50 -38.58 -10.84
N LYS B 237 1.21 -38.95 -10.89
CA LYS B 237 0.78 -40.27 -11.31
C LYS B 237 0.39 -40.23 -12.80
N SER C 3 15.40 16.25 33.63
CA SER C 3 15.85 15.56 32.39
C SER C 3 15.14 14.22 32.27
N THR C 4 15.25 13.37 33.31
CA THR C 4 14.80 11.99 33.22
C THR C 4 13.43 11.92 32.54
N LEU C 5 13.39 11.22 31.39
CA LEU C 5 12.15 11.01 30.67
C LEU C 5 11.19 10.32 31.62
N LEU C 6 9.90 10.70 31.50
CA LEU C 6 8.84 10.15 32.34
C LEU C 6 8.31 8.88 31.68
N PRO C 7 7.88 7.87 32.47
CA PRO C 7 7.28 6.67 31.90
C PRO C 7 6.27 6.96 30.80
N THR C 8 5.49 8.04 30.96
CA THR C 8 4.45 8.36 30.02
C THR C 8 5.08 8.61 28.65
N ASP C 9 6.30 9.19 28.67
CA ASP C 9 7.03 9.53 27.46
C ASP C 9 7.52 8.26 26.77
N ILE C 10 7.97 7.33 27.59
CA ILE C 10 8.49 6.08 27.10
C ILE C 10 7.32 5.22 26.63
N VAL C 11 6.11 5.40 27.17
CA VAL C 11 4.99 4.58 26.74
C VAL C 11 4.66 4.87 25.27
N GLY C 12 4.51 6.13 24.91
CA GLY C 12 4.10 6.46 23.57
C GLY C 12 5.24 6.34 22.58
N GLY C 13 6.48 6.33 23.11
CA GLY C 13 7.64 6.14 22.27
C GLY C 13 7.70 4.68 21.85
N THR C 14 7.56 3.82 22.84
CA THR C 14 7.61 2.41 22.56
C THR C 14 6.45 1.99 21.67
N PHE C 15 5.31 2.66 21.71
CA PHE C 15 4.21 2.30 20.82
C PHE C 15 4.63 2.57 19.38
N TRP C 16 5.47 3.60 19.18
CA TRP C 16 5.93 3.97 17.84
C TRP C 16 6.96 2.95 17.36
N LEU C 17 7.86 2.61 18.27
CA LEU C 17 8.91 1.67 17.99
C LEU C 17 8.25 0.39 17.48
N LEU C 18 7.19 -0.04 18.16
CA LEU C 18 6.63 -1.37 17.94
C LEU C 18 5.93 -1.36 16.60
N SER C 19 5.32 -0.24 16.30
CA SER C 19 4.60 -0.06 15.06
C SER C 19 5.56 -0.11 13.86
N MET C 20 6.72 0.51 14.02
CA MET C 20 7.70 0.61 12.95
C MET C 20 8.39 -0.74 12.77
N ALA C 21 8.76 -1.37 13.89
CA ALA C 21 9.55 -2.58 13.84
C ALA C 21 8.72 -3.69 13.20
N LEU C 22 7.41 -3.68 13.49
CA LEU C 22 6.54 -4.76 13.10
C LEU C 22 6.05 -4.56 11.69
N ILE C 23 5.89 -3.32 11.24
CA ILE C 23 5.62 -3.10 9.83
C ILE C 23 6.86 -3.43 9.00
N GLY C 24 8.04 -3.17 9.56
CA GLY C 24 9.26 -3.53 8.88
C GLY C 24 9.41 -5.04 8.77
N ALA C 25 9.22 -5.74 9.86
CA ALA C 25 9.36 -7.18 9.82
C ALA C 25 8.31 -7.80 8.91
N SER C 26 7.12 -7.21 8.91
CA SER C 26 6.09 -7.71 8.06
C SER C 26 6.50 -7.65 6.59
N ILE C 27 6.97 -6.49 6.12
CA ILE C 27 7.28 -6.32 4.71
C ILE C 27 8.44 -7.22 4.37
N PHE C 28 9.31 -7.45 5.34
CA PHE C 28 10.54 -8.18 5.06
C PHE C 28 10.18 -9.64 4.87
N PHE C 29 9.21 -10.16 5.63
CA PHE C 29 8.89 -11.56 5.60
C PHE C 29 8.00 -11.82 4.41
N LEU C 30 7.24 -10.82 4.00
CA LEU C 30 6.33 -11.01 2.89
C LEU C 30 7.09 -10.87 1.59
N LEU C 31 8.20 -10.14 1.58
CA LEU C 31 8.99 -9.96 0.37
C LEU C 31 9.94 -11.12 0.19
N GLU C 32 10.40 -11.69 1.30
CA GLU C 32 11.29 -12.84 1.23
C GLU C 32 10.51 -14.14 1.11
N ARG C 33 9.20 -14.07 0.93
CA ARG C 33 8.35 -15.25 0.80
C ARG C 33 8.58 -15.89 -0.55
N ASN C 34 9.13 -15.11 -1.48
CA ASN C 34 9.26 -15.54 -2.86
C ASN C 34 10.61 -16.23 -3.06
N ARG C 35 11.44 -16.27 -2.04
CA ARG C 35 12.78 -16.79 -2.15
C ARG C 35 12.92 -18.12 -1.42
N VAL C 36 11.95 -18.47 -0.59
CA VAL C 36 11.95 -19.75 0.07
C VAL C 36 11.29 -20.79 -0.85
N ASP C 37 11.70 -22.04 -0.70
CA ASP C 37 11.07 -23.13 -1.40
C ASP C 37 9.54 -23.00 -1.25
N GLY C 38 8.79 -23.39 -2.26
CA GLY C 38 7.36 -23.14 -2.25
C GLY C 38 6.66 -23.82 -1.08
N ARG C 39 7.24 -24.89 -0.54
CA ARG C 39 6.58 -25.58 0.57
C ARG C 39 6.52 -24.64 1.76
N TRP C 40 7.40 -23.63 1.81
CA TRP C 40 7.45 -22.67 2.91
C TRP C 40 6.67 -21.38 2.61
N HIS C 41 5.80 -21.33 1.60
CA HIS C 41 5.19 -20.06 1.24
C HIS C 41 4.08 -19.63 2.22
N THR C 42 3.28 -20.58 2.70
CA THR C 42 2.23 -20.31 3.67
C THR C 42 2.86 -19.96 5.00
N THR C 43 3.97 -20.60 5.34
CA THR C 43 4.63 -20.26 6.59
C THR C 43 5.04 -18.80 6.58
N MET C 44 5.56 -18.36 5.45
CA MET C 44 6.07 -17.01 5.33
C MET C 44 4.95 -16.00 5.15
N THR C 45 3.80 -16.44 4.64
CA THR C 45 2.68 -15.55 4.43
C THR C 45 1.98 -15.33 5.76
N LEU C 46 1.90 -16.37 6.57
CA LEU C 46 1.37 -16.25 7.89
C LEU C 46 2.31 -15.46 8.79
N LEU C 47 3.61 -15.58 8.58
CA LEU C 47 4.52 -14.81 9.39
C LEU C 47 4.36 -13.32 9.07
N GLY C 48 4.34 -12.95 7.82
CA GLY C 48 4.22 -11.55 7.52
C GLY C 48 2.89 -10.98 7.96
N VAL C 49 1.80 -11.75 7.86
CA VAL C 49 0.48 -11.26 8.18
C VAL C 49 0.30 -11.20 9.69
N THR C 50 0.96 -12.07 10.43
CA THR C 50 0.92 -11.91 11.86
C THR C 50 1.52 -10.57 12.25
N MET C 51 2.67 -10.22 11.68
CA MET C 51 3.35 -8.99 12.05
C MET C 51 2.53 -7.78 11.60
N LEU C 52 1.88 -7.85 10.46
CA LEU C 52 1.05 -6.76 9.98
C LEU C 52 -0.15 -6.52 10.91
N ILE C 53 -0.74 -7.60 11.41
CA ILE C 53 -1.92 -7.48 12.24
C ILE C 53 -1.48 -6.80 13.51
N SER C 54 -0.30 -7.10 14.02
CA SER C 54 0.14 -6.48 15.25
C SER C 54 0.56 -5.04 15.01
N ALA C 55 1.12 -4.73 13.85
CA ALA C 55 1.50 -3.37 13.54
C ALA C 55 0.31 -2.45 13.48
N ILE C 56 -0.80 -2.99 12.98
CA ILE C 56 -2.03 -2.20 12.85
C ILE C 56 -2.58 -1.98 14.24
N PHE C 57 -2.39 -2.95 15.13
CA PHE C 57 -2.88 -2.74 16.46
C PHE C 57 -2.14 -1.55 17.05
N TYR C 58 -0.83 -1.53 16.93
CA TYR C 58 -0.04 -0.51 17.59
C TYR C 58 -0.29 0.83 16.92
N TYR C 59 -0.69 0.85 15.65
CA TYR C 59 -1.06 2.11 15.03
C TYR C 59 -2.34 2.63 15.69
N TYR C 60 -3.33 1.78 15.91
CA TYR C 60 -4.52 2.18 16.61
C TYR C 60 -4.19 2.67 18.01
N VAL C 61 -3.34 1.95 18.71
CA VAL C 61 -3.18 2.26 20.12
C VAL C 61 -2.39 3.55 20.25
N GLN C 62 -1.48 3.81 19.33
CA GLN C 62 -0.68 5.02 19.47
C GLN C 62 -1.61 6.22 19.29
N GLY C 63 -2.60 6.10 18.42
CA GLY C 63 -3.59 7.14 18.25
C GLY C 63 -4.38 7.39 19.53
N MET C 64 -4.86 6.32 20.17
CA MET C 64 -5.58 6.45 21.41
C MET C 64 -4.71 7.10 22.47
N TRP C 65 -3.40 6.87 22.44
CA TRP C 65 -2.53 7.42 23.46
C TRP C 65 -2.33 8.91 23.19
N VAL C 66 -2.02 9.23 21.94
CA VAL C 66 -1.74 10.59 21.54
C VAL C 66 -2.93 11.47 21.89
N ASP C 67 -4.13 10.96 21.68
CA ASP C 67 -5.34 11.74 21.87
C ASP C 67 -5.75 11.69 23.34
N THR C 68 -6.20 10.52 23.80
CA THR C 68 -6.84 10.41 25.10
C THR C 68 -5.79 10.47 26.21
N GLY C 69 -4.56 10.01 25.91
CA GLY C 69 -3.51 9.97 26.90
C GLY C 69 -3.50 8.68 27.72
N LYS C 70 -4.48 7.81 27.47
CA LYS C 70 -4.58 6.55 28.19
C LYS C 70 -4.60 5.41 27.17
N ALA C 71 -4.02 4.27 27.55
CA ALA C 71 -4.08 3.07 26.73
C ALA C 71 -4.19 1.87 27.65
N PRO C 72 -5.41 1.39 27.93
CA PRO C 72 -5.60 0.29 28.87
C PRO C 72 -4.92 -1.02 28.45
N ILE C 73 -4.77 -1.94 29.40
CA ILE C 73 -4.03 -3.17 29.15
C ILE C 73 -4.99 -4.23 28.60
N VAL C 74 -6.29 -3.94 28.64
CA VAL C 74 -7.29 -4.88 28.16
C VAL C 74 -7.39 -4.67 26.66
N LEU C 75 -6.79 -3.60 26.15
CA LEU C 75 -6.82 -3.43 24.71
C LEU C 75 -6.01 -4.54 24.06
N ARG C 76 -5.12 -5.16 24.82
CA ARG C 76 -4.16 -6.07 24.21
C ARG C 76 -4.89 -7.30 23.67
N TYR C 77 -5.93 -7.71 24.36
CA TYR C 77 -6.59 -8.95 24.02
C TYR C 77 -7.20 -8.88 22.63
N LEU C 78 -7.37 -7.70 22.04
CA LEU C 78 -7.68 -7.66 20.62
C LEU C 78 -6.55 -8.22 19.75
N ASP C 79 -5.35 -7.72 19.94
CA ASP C 79 -4.22 -8.23 19.22
C ASP C 79 -4.03 -9.72 19.55
N TRP C 80 -3.98 -10.04 20.84
CA TRP C 80 -3.64 -11.38 21.24
C TRP C 80 -4.62 -12.39 20.69
N ILE C 81 -5.90 -12.08 20.68
CA ILE C 81 -6.83 -13.08 20.21
C ILE C 81 -6.46 -13.46 18.77
N LEU C 82 -5.91 -12.52 18.00
CA LEU C 82 -5.54 -12.80 16.63
C LEU C 82 -4.14 -13.39 16.61
N THR C 83 -3.17 -12.67 17.14
CA THR C 83 -1.76 -12.98 16.91
C THR C 83 -1.28 -14.17 17.72
N VAL C 84 -1.78 -14.39 18.94
CA VAL C 84 -1.44 -15.61 19.65
C VAL C 84 -1.94 -16.84 18.92
N SER C 85 -3.14 -16.74 18.33
CA SER C 85 -3.75 -17.82 17.57
C SER C 85 -2.84 -18.19 16.41
N MET C 86 -2.43 -17.17 15.66
CA MET C 86 -1.63 -17.40 14.49
C MET C 86 -0.26 -17.99 14.86
N GLN C 87 0.32 -17.55 15.98
CA GLN C 87 1.61 -18.07 16.39
C GLN C 87 1.52 -19.52 16.82
N VAL C 88 0.42 -19.94 17.43
CA VAL C 88 0.36 -21.33 17.87
C VAL C 88 0.09 -22.23 16.68
N VAL C 89 -0.59 -21.72 15.68
CA VAL C 89 -0.85 -22.47 14.47
C VAL C 89 0.42 -22.63 13.64
N MET C 90 1.37 -21.71 13.79
CA MET C 90 2.61 -21.83 13.06
C MET C 90 3.25 -23.18 13.33
N PHE C 91 3.09 -23.79 14.50
CA PHE C 91 3.69 -25.11 14.71
C PHE C 91 3.09 -26.14 13.75
N TYR C 92 1.80 -26.03 13.50
CA TYR C 92 1.20 -26.93 12.53
C TYR C 92 1.64 -26.57 11.12
N VAL C 93 1.57 -25.30 10.73
CA VAL C 93 1.88 -24.92 9.36
C VAL C 93 3.30 -25.36 8.98
N ILE C 94 4.23 -25.25 9.94
CA ILE C 94 5.61 -25.61 9.70
C ILE C 94 5.71 -27.12 9.52
N LEU C 95 4.96 -27.90 10.28
CA LEU C 95 5.08 -29.34 10.17
C LEU C 95 4.51 -29.80 8.84
N THR C 96 3.39 -29.21 8.43
CA THR C 96 2.78 -29.63 7.18
C THR C 96 3.69 -29.26 6.02
N ALA C 97 4.62 -28.31 6.22
CA ALA C 97 5.57 -27.97 5.18
C ALA C 97 6.50 -29.16 4.90
N VAL C 98 6.77 -29.99 5.88
CA VAL C 98 7.89 -30.88 5.74
C VAL C 98 7.50 -32.31 6.00
N THR C 99 6.29 -32.54 6.52
CA THR C 99 5.90 -33.87 6.94
C THR C 99 4.39 -33.96 6.84
N LYS C 100 3.83 -35.11 7.28
CA LYS C 100 2.39 -35.35 7.26
C LYS C 100 1.88 -35.38 8.69
N VAL C 101 0.90 -34.52 8.96
CA VAL C 101 0.43 -34.31 10.32
C VAL C 101 -1.10 -34.29 10.28
N SER C 102 -1.76 -34.88 11.29
CA SER C 102 -3.22 -34.87 11.35
C SER C 102 -3.74 -33.44 11.41
N SER C 103 -4.89 -33.19 10.79
CA SER C 103 -5.48 -31.86 10.81
C SER C 103 -5.98 -31.51 12.22
N ALA C 104 -6.26 -32.55 13.00
CA ALA C 104 -6.69 -32.43 14.40
C ALA C 104 -5.72 -31.61 15.24
N LEU C 105 -4.42 -31.76 14.97
CA LEU C 105 -3.46 -30.94 15.65
C LEU C 105 -3.83 -29.46 15.42
N PHE C 106 -4.22 -29.07 14.21
CA PHE C 106 -4.57 -27.69 13.99
C PHE C 106 -5.59 -27.26 15.04
N TRP C 107 -6.65 -28.03 15.22
CA TRP C 107 -7.74 -27.59 16.08
C TRP C 107 -7.35 -27.70 17.55
N ARG C 108 -6.58 -28.72 17.96
CA ARG C 108 -6.15 -28.74 19.34
C ARG C 108 -5.36 -27.46 19.66
N LEU C 109 -4.39 -27.14 18.82
CA LEU C 109 -3.58 -25.96 19.02
C LEU C 109 -4.43 -24.70 19.04
N LEU C 110 -5.30 -24.46 18.05
CA LEU C 110 -6.08 -23.24 17.99
C LEU C 110 -7.00 -23.12 19.19
N ILE C 111 -7.77 -24.15 19.48
CA ILE C 111 -8.66 -24.12 20.62
C ILE C 111 -7.85 -23.84 21.88
N GLY C 112 -6.62 -24.32 21.93
CA GLY C 112 -5.81 -24.11 23.12
C GLY C 112 -5.45 -22.65 23.32
N ALA C 113 -5.12 -21.97 22.21
CA ALA C 113 -4.85 -20.55 22.19
C ALA C 113 -6.11 -19.76 22.54
N LEU C 114 -7.23 -20.16 21.97
CA LEU C 114 -8.45 -19.40 22.22
C LEU C 114 -8.83 -19.48 23.69
N VAL C 115 -8.57 -20.60 24.35
CA VAL C 115 -8.89 -20.69 25.76
C VAL C 115 -7.98 -19.80 26.60
N MET C 116 -6.68 -19.78 26.27
CA MET C 116 -5.71 -18.96 26.97
C MET C 116 -6.11 -17.47 26.95
N VAL C 117 -6.35 -16.92 25.75
CA VAL C 117 -6.63 -15.50 25.64
C VAL C 117 -8.02 -15.20 26.20
N ILE C 118 -9.01 -16.00 25.82
CA ILE C 118 -10.37 -15.69 26.20
C ILE C 118 -10.50 -15.85 27.71
N GLY C 119 -9.88 -16.88 28.27
CA GLY C 119 -9.88 -17.10 29.71
C GLY C 119 -9.33 -15.88 30.46
N GLY C 120 -8.27 -15.29 29.95
CA GLY C 120 -7.70 -14.11 30.59
C GLY C 120 -8.52 -12.85 30.32
N PHE C 121 -9.09 -12.72 29.12
CA PHE C 121 -9.94 -11.56 28.80
C PHE C 121 -11.10 -11.52 29.78
N LEU C 122 -11.79 -12.64 29.93
CA LEU C 122 -12.94 -12.70 30.83
C LEU C 122 -12.52 -12.25 32.23
N GLY C 123 -11.35 -12.66 32.68
CA GLY C 123 -10.86 -12.22 33.98
C GLY C 123 -10.40 -10.77 34.04
N ALA C 124 -9.93 -10.21 32.93
CA ALA C 124 -9.48 -8.84 32.90
C ALA C 124 -10.64 -7.86 32.69
N ALA C 125 -11.62 -8.25 31.88
CA ALA C 125 -12.75 -7.39 31.57
C ALA C 125 -13.69 -7.29 32.77
N GLY C 126 -13.72 -8.33 33.62
CA GLY C 126 -14.54 -8.30 34.82
C GLY C 126 -15.69 -9.31 34.74
N TYR C 127 -15.79 -9.98 33.59
CA TYR C 127 -16.87 -10.92 33.34
C TYR C 127 -16.71 -12.15 34.23
N MET C 128 -15.56 -12.31 34.90
CA MET C 128 -15.42 -13.39 35.86
C MET C 128 -14.23 -13.12 36.77
N SER C 129 -14.15 -13.81 37.91
CA SER C 129 -13.05 -13.58 38.84
C SER C 129 -11.73 -13.62 38.07
N ALA C 130 -10.82 -12.70 38.35
CA ALA C 130 -9.49 -12.78 37.73
C ALA C 130 -8.83 -14.09 38.10
N THR C 131 -9.14 -14.64 39.28
CA THR C 131 -8.58 -15.93 39.64
C THR C 131 -8.94 -16.96 38.58
N LEU C 132 -10.25 -17.07 38.31
CA LEU C 132 -10.75 -18.07 37.38
C LEU C 132 -10.27 -17.75 35.97
N GLY C 133 -10.05 -16.46 35.70
CA GLY C 133 -9.40 -16.00 34.48
C GLY C 133 -7.99 -16.56 34.36
N PHE C 134 -7.19 -16.37 35.40
CA PHE C 134 -5.83 -16.89 35.41
C PHE C 134 -5.87 -18.39 35.19
N ILE C 135 -6.69 -19.09 35.96
CA ILE C 135 -6.65 -20.54 35.96
C ILE C 135 -6.97 -21.05 34.56
N ILE C 136 -8.02 -20.48 33.95
CA ILE C 136 -8.42 -20.91 32.62
C ILE C 136 -7.33 -20.55 31.61
N GLY C 137 -6.71 -19.39 31.79
CA GLY C 137 -5.63 -18.99 30.89
C GLY C 137 -4.45 -19.95 30.96
N VAL C 138 -4.03 -20.31 32.19
CA VAL C 138 -2.86 -21.15 32.39
C VAL C 138 -3.17 -22.55 31.89
N VAL C 139 -4.40 -23.02 32.06
CA VAL C 139 -4.73 -24.33 31.54
C VAL C 139 -4.59 -24.31 30.02
N GLY C 140 -5.00 -23.21 29.39
CA GLY C 140 -4.88 -23.11 27.96
C GLY C 140 -3.42 -23.17 27.51
N TRP C 141 -2.56 -22.45 28.21
CA TRP C 141 -1.14 -22.45 27.93
C TRP C 141 -0.56 -23.84 28.10
N LEU C 142 -0.80 -24.43 29.27
CA LEU C 142 -0.17 -25.70 29.58
C LEU C 142 -0.59 -26.79 28.60
N TYR C 143 -1.78 -26.71 28.04
CA TYR C 143 -2.10 -27.56 26.92
C TYR C 143 -1.08 -27.30 25.82
N ILE C 144 -0.99 -26.05 25.33
CA ILE C 144 -0.19 -25.74 24.18
C ILE C 144 1.21 -26.26 24.44
N LEU C 145 1.74 -26.02 25.64
CA LEU C 145 3.09 -26.49 25.94
C LEU C 145 3.09 -28.01 25.90
N GLY C 146 2.10 -28.65 26.54
CA GLY C 146 1.95 -30.09 26.50
C GLY C 146 1.98 -30.63 25.07
N GLU C 147 1.28 -29.97 24.15
CA GLU C 147 1.28 -30.46 22.78
C GLU C 147 2.70 -30.43 22.22
N ILE C 148 3.39 -29.30 22.36
CA ILE C 148 4.59 -29.05 21.59
C ILE C 148 5.77 -29.71 22.31
N TYR C 149 5.61 -30.10 23.56
CA TYR C 149 6.71 -30.77 24.24
C TYR C 149 6.52 -32.28 24.21
N MET C 150 5.31 -32.78 24.43
CA MET C 150 5.12 -34.22 24.59
C MET C 150 3.85 -34.69 23.89
N GLY C 151 3.52 -34.09 22.75
CA GLY C 151 2.30 -34.42 22.03
C GLY C 151 2.58 -34.79 20.58
N GLU C 152 1.53 -34.69 19.76
CA GLU C 152 1.64 -35.09 18.35
C GLU C 152 2.57 -34.11 17.65
N ALA C 153 2.55 -32.85 18.06
CA ALA C 153 3.43 -31.91 17.44
C ALA C 153 4.88 -32.30 17.71
N SER C 154 5.18 -32.76 18.92
CA SER C 154 6.55 -33.10 19.26
C SER C 154 6.99 -34.38 18.54
N ARG C 155 6.09 -35.36 18.47
CA ARG C 155 6.39 -36.62 17.83
C ARG C 155 6.53 -36.42 16.32
N CYS C 156 5.68 -35.59 15.74
CA CYS C 156 5.77 -35.29 14.31
C CYS C 156 7.09 -34.61 13.97
N ASN C 157 7.55 -33.74 14.86
CA ASN C 157 8.83 -33.08 14.69
C ASN C 157 9.94 -34.12 14.62
N ILE C 158 9.98 -35.02 15.60
CA ILE C 158 11.03 -36.05 15.67
C ILE C 158 11.02 -36.91 14.40
N GLU C 159 9.84 -37.24 13.88
CA GLU C 159 9.73 -38.15 12.75
C GLU C 159 9.90 -37.43 11.40
N SER C 160 9.86 -36.09 11.39
CA SER C 160 10.01 -35.36 10.15
C SER C 160 11.37 -35.64 9.51
N GLY C 161 12.43 -35.62 10.34
CA GLY C 161 13.79 -35.79 9.87
C GLY C 161 14.36 -34.50 9.29
N ASN C 162 13.55 -33.43 9.32
CA ASN C 162 13.95 -32.14 8.78
C ASN C 162 14.79 -31.45 9.85
N GLU C 163 16.00 -31.03 9.48
CA GLU C 163 16.89 -30.41 10.46
C GLU C 163 16.39 -28.99 10.71
N ALA C 164 15.77 -28.37 9.70
CA ALA C 164 15.27 -27.02 9.85
C ALA C 164 14.11 -27.04 10.81
N THR C 165 13.20 -27.97 10.61
CA THR C 165 12.06 -28.11 11.50
C THR C 165 12.51 -28.51 12.90
N HIS C 166 13.66 -29.16 13.06
CA HIS C 166 14.15 -29.40 14.40
C HIS C 166 14.54 -28.08 15.05
N MET C 167 15.23 -27.21 14.31
CA MET C 167 15.75 -26.02 14.94
C MET C 167 14.58 -25.10 15.26
N ALA C 168 13.64 -25.01 14.32
CA ALA C 168 12.50 -24.12 14.51
C ALA C 168 11.76 -24.48 15.78
N PHE C 169 11.36 -25.74 15.85
CA PHE C 169 10.64 -26.26 17.00
C PHE C 169 11.39 -25.92 18.28
N ASN C 170 12.69 -26.22 18.33
CA ASN C 170 13.40 -26.03 19.59
C ASN C 170 13.39 -24.56 19.96
N GLY C 171 13.38 -23.70 18.96
CA GLY C 171 13.47 -22.28 19.20
C GLY C 171 12.12 -21.69 19.53
N LEU C 172 11.09 -22.09 18.80
CA LEU C 172 9.76 -21.61 19.09
C LEU C 172 9.31 -22.16 20.45
N ARG C 173 9.64 -23.39 20.77
CA ARG C 173 9.26 -23.94 22.07
C ARG C 173 9.84 -23.12 23.21
N LEU C 174 11.01 -22.54 22.98
CA LEU C 174 11.67 -21.78 24.01
C LEU C 174 11.03 -20.41 24.12
N ILE C 175 10.56 -19.87 23.00
CA ILE C 175 9.88 -18.58 23.06
C ILE C 175 8.58 -18.75 23.82
N LEU C 176 7.83 -19.81 23.52
CA LEU C 176 6.52 -20.05 24.08
C LEU C 176 6.65 -20.41 25.55
N THR C 177 7.85 -20.74 26.01
CA THR C 177 7.97 -21.20 27.39
C THR C 177 8.50 -20.08 28.28
N ILE C 178 9.48 -19.34 27.78
CA ILE C 178 10.12 -18.32 28.59
C ILE C 178 9.52 -16.98 28.20
N GLY C 179 9.60 -16.65 26.91
CA GLY C 179 9.11 -15.38 26.41
C GLY C 179 7.66 -15.13 26.82
N TRP C 180 6.80 -16.12 26.61
CA TRP C 180 5.38 -15.97 26.81
C TRP C 180 5.05 -16.04 28.27
N ALA C 181 6.03 -16.29 29.15
CA ALA C 181 5.72 -16.41 30.56
C ALA C 181 5.63 -15.02 31.20
N ILE C 182 5.97 -13.99 30.45
CA ILE C 182 5.93 -12.63 30.96
C ILE C 182 4.48 -12.20 31.07
N TYR C 183 3.66 -12.60 30.09
CA TYR C 183 2.29 -12.10 30.02
C TYR C 183 1.47 -12.58 31.21
N PRO C 184 1.47 -13.89 31.48
CA PRO C 184 0.82 -14.42 32.67
C PRO C 184 1.31 -13.71 33.90
N LEU C 185 2.63 -13.52 34.01
CA LEU C 185 3.18 -12.84 35.16
C LEU C 185 2.52 -11.48 35.34
N GLY C 186 2.52 -10.69 34.26
CA GLY C 186 1.87 -9.38 34.24
C GLY C 186 0.46 -9.47 34.80
N TYR C 187 -0.29 -10.44 34.27
CA TYR C 187 -1.69 -10.58 34.60
C TYR C 187 -1.79 -10.84 36.07
N PHE C 188 -0.94 -11.73 36.57
CA PHE C 188 -0.98 -12.12 37.97
C PHE C 188 -0.73 -10.90 38.84
N ILE C 189 0.35 -10.17 38.58
CA ILE C 189 0.75 -9.08 39.46
C ILE C 189 -0.30 -7.97 39.38
N ASN C 190 -0.69 -7.61 38.17
CA ASN C 190 -1.66 -6.54 37.99
C ASN C 190 -3.03 -6.91 38.60
N ASN C 191 -3.51 -8.13 38.38
CA ASN C 191 -4.89 -8.47 38.71
C ASN C 191 -4.96 -9.28 40.00
N LEU C 192 -4.35 -10.46 40.00
CA LEU C 192 -4.46 -11.37 41.14
C LEU C 192 -3.58 -10.90 42.30
N GLY C 193 -2.69 -9.95 42.02
CA GLY C 193 -1.65 -9.57 42.96
C GLY C 193 -1.86 -8.14 43.44
N GLY C 194 -0.75 -7.47 43.74
CA GLY C 194 -0.78 -6.11 44.26
C GLY C 194 -1.40 -5.12 43.27
N GLY C 195 -0.89 -5.13 42.02
CA GLY C 195 -1.28 -4.21 40.97
C GLY C 195 -0.08 -3.45 40.42
N VAL C 196 -0.12 -3.08 39.13
CA VAL C 196 0.98 -2.36 38.48
C VAL C 196 0.39 -1.15 37.75
N ASP C 197 1.08 -0.02 37.80
CA ASP C 197 0.71 1.12 36.98
C ASP C 197 0.61 0.65 35.53
N ALA C 198 -0.44 1.07 34.85
CA ALA C 198 -0.64 0.70 33.45
C ALA C 198 0.48 1.24 32.58
N ASN C 199 1.05 2.39 32.97
CA ASN C 199 2.14 2.97 32.21
C ASN C 199 3.32 2.01 32.20
N SER C 200 3.64 1.46 33.37
CA SER C 200 4.77 0.56 33.49
C SER C 200 4.53 -0.74 32.75
N LEU C 201 3.30 -1.25 32.83
CA LEU C 201 2.94 -2.52 32.24
C LEU C 201 2.84 -2.35 30.73
N ASN C 202 2.47 -1.15 30.25
CA ASN C 202 2.50 -0.91 28.82
C ASN C 202 3.94 -0.95 28.27
N ILE C 203 4.94 -0.62 29.10
CA ILE C 203 6.31 -0.58 28.62
C ILE C 203 6.81 -2.01 28.49
N ILE C 204 6.61 -2.76 29.57
CA ILE C 204 7.02 -4.15 29.64
C ILE C 204 6.37 -4.98 28.54
N TYR C 205 5.09 -4.76 28.31
CA TYR C 205 4.42 -5.51 27.28
C TYR C 205 4.90 -5.06 25.91
N ASN C 206 5.17 -3.77 25.73
CA ASN C 206 5.71 -3.27 24.50
C ASN C 206 7.09 -3.87 24.19
N LEU C 207 7.93 -3.97 25.20
CA LEU C 207 9.25 -4.54 24.99
C LEU C 207 9.17 -6.06 24.76
N THR C 208 8.29 -6.73 25.50
CA THR C 208 8.22 -8.17 25.39
C THR C 208 7.67 -8.53 24.02
N ASP C 209 6.79 -7.68 23.48
CA ASP C 209 6.22 -7.94 22.16
C ASP C 209 7.30 -7.79 21.11
N PHE C 210 8.21 -6.86 21.30
CA PHE C 210 9.30 -6.67 20.37
C PHE C 210 10.15 -7.95 20.28
N LEU C 211 10.38 -8.61 21.41
CA LEU C 211 11.22 -9.80 21.43
C LEU C 211 10.45 -11.10 21.16
N ASN C 212 9.17 -11.15 21.48
CA ASN C 212 8.43 -12.38 21.30
C ASN C 212 7.79 -12.44 19.92
N LYS C 213 8.04 -11.43 19.10
CA LYS C 213 7.45 -11.41 17.78
C LYS C 213 8.54 -11.31 16.74
N ILE C 214 9.65 -10.68 17.09
CA ILE C 214 10.78 -10.60 16.20
C ILE C 214 11.55 -11.90 16.29
N ILE C 215 11.94 -12.30 17.48
CA ILE C 215 12.65 -13.56 17.61
C ILE C 215 11.81 -14.71 17.08
N PHE C 216 10.51 -14.66 17.24
CA PHE C 216 9.69 -15.71 16.67
C PHE C 216 9.84 -15.72 15.16
N GLY C 217 9.77 -14.55 14.55
CA GLY C 217 9.78 -14.38 13.11
C GLY C 217 11.10 -14.81 12.53
N PHE C 218 12.18 -14.42 13.20
CA PHE C 218 13.49 -14.76 12.69
C PHE C 218 13.78 -16.24 12.86
N VAL C 219 13.30 -16.84 13.92
CA VAL C 219 13.45 -18.27 14.05
C VAL C 219 12.80 -18.96 12.88
N VAL C 220 11.56 -18.62 12.58
CA VAL C 220 10.81 -19.27 11.49
C VAL C 220 11.43 -18.94 10.14
N TYR C 221 11.86 -17.71 9.95
CA TYR C 221 12.48 -17.34 8.68
C TYR C 221 13.78 -18.11 8.45
N ARG C 222 14.64 -18.25 9.47
CA ARG C 222 15.82 -19.08 9.32
C ARG C 222 15.49 -20.53 8.97
N ALA C 223 14.41 -21.07 9.49
CA ALA C 223 14.05 -22.44 9.18
C ALA C 223 13.68 -22.53 7.69
N ALA C 224 12.97 -21.53 7.18
CA ALA C 224 12.51 -21.63 5.82
C ALA C 224 13.68 -21.41 4.86
N MET C 225 14.60 -20.53 5.25
CA MET C 225 15.73 -20.19 4.43
C MET C 225 16.72 -21.31 4.54
N ASN C 226 16.79 -22.01 5.65
CA ASN C 226 17.82 -23.02 5.77
C ASN C 226 17.39 -24.26 5.03
N ASP C 227 16.12 -24.58 5.11
CA ASP C 227 15.61 -25.76 4.44
C ASP C 227 15.63 -25.51 2.94
N THR C 228 15.35 -24.28 2.52
CA THR C 228 15.34 -24.02 1.11
C THR C 228 16.72 -24.34 0.57
N GLN C 229 17.76 -23.93 1.31
CA GLN C 229 19.11 -24.02 0.82
C GLN C 229 19.55 -25.48 0.88
N ALA C 230 19.23 -26.15 1.97
CA ALA C 230 19.52 -27.56 2.09
C ALA C 230 19.05 -28.33 0.87
N ARG C 231 17.86 -28.00 0.38
CA ARG C 231 17.31 -28.67 -0.79
C ARG C 231 18.16 -28.34 -2.02
N LEU C 232 18.59 -27.08 -2.17
CA LEU C 232 19.36 -26.67 -3.33
C LEU C 232 20.72 -27.37 -3.30
N ASP C 233 21.25 -27.58 -2.10
CA ASP C 233 22.57 -28.17 -1.94
C ASP C 233 22.50 -29.67 -2.25
N GLU C 234 21.36 -30.30 -1.98
CA GLU C 234 21.20 -31.72 -2.27
C GLU C 234 20.87 -31.91 -3.74
N ILE C 235 20.26 -30.90 -4.38
CA ILE C 235 20.01 -30.94 -5.81
C ILE C 235 21.35 -30.89 -6.55
N LYS C 236 22.28 -30.07 -6.03
CA LYS C 236 23.60 -29.92 -6.63
C LYS C 236 24.38 -31.23 -6.52
N LYS C 237 24.11 -32.02 -5.47
CA LYS C 237 24.71 -33.34 -5.30
C LYS C 237 23.73 -34.41 -5.82
N SER D 3 11.40 38.31 5.67
CA SER D 3 11.52 37.31 4.57
C SER D 3 12.21 36.06 5.11
N THR D 4 13.42 36.21 5.66
CA THR D 4 14.24 35.08 6.04
C THR D 4 13.40 34.04 6.78
N LEU D 5 13.32 32.83 6.21
CA LEU D 5 12.62 31.73 6.86
C LEU D 5 13.24 31.51 8.22
N LEU D 6 12.38 31.15 9.20
CA LEU D 6 12.82 30.87 10.55
C LEU D 6 13.23 29.41 10.65
N PRO D 7 14.24 29.07 11.49
CA PRO D 7 14.62 27.68 11.70
C PRO D 7 13.42 26.75 11.92
N THR D 8 12.39 27.25 12.61
CA THR D 8 11.23 26.43 12.93
C THR D 8 10.58 25.99 11.63
N ASP D 9 10.63 26.87 10.62
CA ASP D 9 10.02 26.61 9.31
C ASP D 9 10.79 25.53 8.58
N ILE D 10 12.11 25.62 8.70
CA ILE D 10 13.00 24.71 8.04
C ILE D 10 12.93 23.36 8.77
N VAL D 11 12.62 23.34 10.07
CA VAL D 11 12.56 22.07 10.78
C VAL D 11 11.44 21.19 10.22
N GLY D 12 10.24 21.73 10.10
CA GLY D 12 9.14 20.91 9.68
C GLY D 12 9.15 20.68 8.17
N GLY D 13 9.92 21.50 7.45
CA GLY D 13 10.08 21.30 6.03
C GLY D 13 11.00 20.13 5.79
N THR D 14 12.11 20.14 6.50
CA THR D 14 13.06 19.06 6.36
C THR D 14 12.45 17.75 6.81
N PHE D 15 11.51 17.75 7.76
CA PHE D 15 10.88 16.49 8.16
C PHE D 15 10.09 15.93 7.00
N TRP D 16 9.53 16.81 6.16
CA TRP D 16 8.74 16.39 5.00
C TRP D 16 9.68 15.83 3.93
N LEU D 17 10.77 16.56 3.72
CA LEU D 17 11.75 16.19 2.74
C LEU D 17 12.17 14.77 3.03
N LEU D 18 12.44 14.49 4.31
CA LEU D 18 13.10 13.26 4.70
C LEU D 18 12.13 12.12 4.50
N SER D 19 10.90 12.40 4.82
CA SER D 19 9.82 11.44 4.70
C SER D 19 9.60 11.04 3.24
N MET D 20 9.66 12.01 2.34
CA MET D 20 9.44 11.79 0.92
C MET D 20 10.63 11.05 0.33
N ALA D 21 11.84 11.51 0.69
CA ALA D 21 13.05 10.99 0.06
C ALA D 21 13.18 9.51 0.42
N LEU D 22 12.79 9.17 1.66
CA LEU D 22 13.04 7.86 2.22
C LEU D 22 11.96 6.90 1.81
N ILE D 23 10.73 7.38 1.63
CA ILE D 23 9.72 6.51 1.04
C ILE D 23 10.03 6.26 -0.44
N GLY D 24 10.61 7.26 -1.10
CA GLY D 24 11.02 7.10 -2.47
C GLY D 24 12.15 6.08 -2.59
N ALA D 25 13.18 6.24 -1.79
CA ALA D 25 14.30 5.32 -1.87
C ALA D 25 13.86 3.92 -1.50
N SER D 26 12.95 3.82 -0.55
CA SER D 26 12.46 2.54 -0.15
C SER D 26 11.81 1.80 -1.31
N ILE D 27 10.87 2.46 -2.02
CA ILE D 27 10.12 1.80 -3.09
C ILE D 27 11.10 1.46 -4.19
N PHE D 28 12.13 2.27 -4.36
CA PHE D 28 13.01 2.09 -5.48
C PHE D 28 13.86 0.86 -5.23
N PHE D 29 14.27 0.62 -3.97
CA PHE D 29 15.18 -0.45 -3.66
C PHE D 29 14.39 -1.74 -3.59
N LEU D 30 13.12 -1.65 -3.24
CA LEU D 30 12.31 -2.83 -3.10
C LEU D 30 11.83 -3.28 -4.47
N LEU D 31 11.73 -2.36 -5.43
CA LEU D 31 11.27 -2.70 -6.76
C LEU D 31 12.42 -3.18 -7.60
N GLU D 32 13.62 -2.67 -7.34
CA GLU D 32 14.79 -3.09 -8.07
C GLU D 32 15.40 -4.34 -7.44
N ARG D 33 14.74 -4.95 -6.46
CA ARG D 33 15.32 -6.12 -5.83
C ARG D 33 15.10 -7.34 -6.71
N ASN D 34 14.23 -7.19 -7.71
CA ASN D 34 13.87 -8.30 -8.57
C ASN D 34 14.81 -8.38 -9.77
N ARG D 35 15.73 -7.41 -9.89
N ARG D 35 15.73 -7.41 -9.88
CA ARG D 35 16.58 -7.26 -11.05
CA ARG D 35 16.58 -7.30 -11.04
C ARG D 35 18.02 -7.59 -10.68
C ARG D 35 18.02 -7.62 -10.69
N VAL D 36 18.33 -7.71 -9.40
CA VAL D 36 19.66 -8.12 -8.98
C VAL D 36 19.68 -9.66 -8.92
N ASP D 37 20.88 -10.22 -9.12
CA ASP D 37 21.08 -11.64 -8.92
C ASP D 37 20.47 -12.07 -7.59
N GLY D 38 19.93 -13.27 -7.52
CA GLY D 38 19.18 -13.67 -6.35
C GLY D 38 20.02 -13.65 -5.08
N ARG D 39 21.34 -13.77 -5.20
CA ARG D 39 22.16 -13.77 -3.99
C ARG D 39 22.06 -12.42 -3.32
N TRP D 40 21.67 -11.37 -4.07
CA TRP D 40 21.54 -10.03 -3.54
C TRP D 40 20.11 -9.69 -3.12
N HIS D 41 19.19 -10.64 -2.98
CA HIS D 41 17.79 -10.29 -2.73
C HIS D 41 17.55 -9.83 -1.28
N THR D 42 18.21 -10.47 -0.30
CA THR D 42 18.09 -10.11 1.10
C THR D 42 18.78 -8.78 1.33
N THR D 43 19.88 -8.52 0.63
CA THR D 43 20.54 -7.25 0.77
C THR D 43 19.61 -6.12 0.37
N MET D 44 18.88 -6.33 -0.71
CA MET D 44 18.02 -5.32 -1.28
C MET D 44 16.71 -5.23 -0.50
N THR D 45 16.33 -6.30 0.18
CA THR D 45 15.10 -6.29 0.95
C THR D 45 15.35 -5.60 2.28
N LEU D 46 16.52 -5.80 2.84
CA LEU D 46 16.91 -5.11 4.04
C LEU D 46 17.16 -3.63 3.75
N LEU D 47 17.64 -3.31 2.55
CA LEU D 47 17.87 -1.93 2.24
C LEU D 47 16.54 -1.21 2.12
N GLY D 48 15.58 -1.77 1.40
CA GLY D 48 14.34 -1.07 1.26
C GLY D 48 13.59 -0.96 2.57
N VAL D 49 13.69 -1.97 3.44
CA VAL D 49 12.95 -1.95 4.70
C VAL D 49 13.62 -1.05 5.71
N THR D 50 14.93 -0.88 5.62
CA THR D 50 15.53 0.13 6.44
C THR D 50 14.97 1.49 6.12
N MET D 51 14.87 1.83 4.82
CA MET D 51 14.40 3.14 4.41
C MET D 51 12.93 3.31 4.79
N LEU D 52 12.12 2.27 4.67
CA LEU D 52 10.72 2.33 5.03
C LEU D 52 10.55 2.62 6.52
N ILE D 53 11.39 2.02 7.35
CA ILE D 53 11.28 2.20 8.78
C ILE D 53 11.60 3.64 9.08
N SER D 54 12.62 4.18 8.46
CA SER D 54 12.97 5.55 8.75
C SER D 54 11.90 6.50 8.22
N ALA D 55 11.27 6.19 7.10
CA ALA D 55 10.23 7.02 6.55
C ALA D 55 9.05 7.10 7.48
N ILE D 56 8.74 5.99 8.13
CA ILE D 56 7.60 5.93 9.02
C ILE D 56 7.94 6.73 10.26
N PHE D 57 9.20 6.74 10.65
CA PHE D 57 9.56 7.53 11.79
C PHE D 57 9.26 8.98 11.47
N TYR D 58 9.72 9.45 10.32
CA TYR D 58 9.61 10.86 9.99
C TYR D 58 8.14 11.21 9.78
N TYR D 59 7.31 10.26 9.37
CA TYR D 59 5.88 10.53 9.29
C TYR D 59 5.32 10.77 10.70
N TYR D 60 5.69 9.95 11.67
CA TYR D 60 5.28 10.18 13.04
C TYR D 60 5.78 11.54 13.52
N VAL D 61 7.03 11.85 13.25
CA VAL D 61 7.59 13.03 13.89
C VAL D 61 6.99 14.27 13.26
N GLN D 62 6.69 14.22 11.97
CA GLN D 62 6.17 15.42 11.34
C GLN D 62 4.80 15.71 11.95
N GLY D 63 4.05 14.68 12.29
CA GLY D 63 2.76 14.85 12.95
C GLY D 63 2.93 15.51 14.32
N MET D 64 3.88 15.03 15.11
CA MET D 64 4.15 15.61 16.41
C MET D 64 4.57 17.07 16.26
N TRP D 65 5.24 17.43 15.18
CA TRP D 65 5.70 18.80 15.02
C TRP D 65 4.51 19.66 14.64
N VAL D 66 3.75 19.20 13.66
CA VAL D 66 2.63 19.96 13.14
C VAL D 66 1.66 20.27 14.27
N ASP D 67 1.46 19.31 15.17
CA ASP D 67 0.49 19.45 16.24
C ASP D 67 1.13 20.18 17.41
N THR D 68 2.07 19.53 18.08
CA THR D 68 2.57 20.02 19.35
C THR D 68 3.53 21.20 19.12
N GLY D 69 4.21 21.20 17.97
CA GLY D 69 5.16 22.24 17.66
C GLY D 69 6.57 21.93 18.17
N LYS D 70 6.73 20.81 18.88
CA LYS D 70 8.02 20.41 19.43
C LYS D 70 8.35 19.01 18.94
N ALA D 71 9.64 18.73 18.72
CA ALA D 71 10.08 17.39 18.36
C ALA D 71 11.43 17.13 19.02
N PRO D 72 11.46 16.50 20.20
CA PRO D 72 12.72 16.30 20.92
C PRO D 72 13.74 15.44 20.18
N ILE D 73 14.99 15.48 20.62
CA ILE D 73 16.08 14.79 19.94
C ILE D 73 16.20 13.37 20.48
N VAL D 74 15.50 13.07 21.58
CA VAL D 74 15.54 11.75 22.18
C VAL D 74 14.56 10.90 21.38
N LEU D 75 13.73 11.52 20.56
CA LEU D 75 12.85 10.72 19.74
C LEU D 75 13.67 9.91 18.74
N ARG D 76 14.88 10.36 18.45
CA ARG D 76 15.62 9.77 17.36
C ARG D 76 15.97 8.32 17.69
N TYR D 77 16.22 8.06 18.97
CA TYR D 77 16.71 6.76 19.36
C TYR D 77 15.66 5.69 19.08
N LEU D 78 14.41 6.03 18.76
CA LEU D 78 13.52 5.01 18.22
C LEU D 78 13.95 4.58 16.81
N ASP D 79 14.15 5.53 15.93
CA ASP D 79 14.62 5.21 14.61
C ASP D 79 15.97 4.51 14.72
N TRP D 80 16.91 5.13 15.44
CA TRP D 80 18.27 4.63 15.44
C TRP D 80 18.33 3.23 15.99
N ILE D 81 17.60 2.92 17.03
CA ILE D 81 17.72 1.58 17.59
C ILE D 81 17.37 0.57 16.48
N LEU D 82 16.43 0.94 15.61
CA LEU D 82 16.04 0.02 14.54
C LEU D 82 17.07 0.11 13.42
N THR D 83 17.27 1.31 12.88
CA THR D 83 17.93 1.48 11.59
C THR D 83 19.45 1.43 11.69
N VAL D 84 20.06 1.90 12.77
CA VAL D 84 21.49 1.69 12.95
C VAL D 84 21.83 0.21 13.00
N SER D 85 20.97 -0.57 13.65
CA SER D 85 21.15 -2.01 13.76
C SER D 85 21.18 -2.63 12.38
N MET D 86 20.18 -2.28 11.58
CA MET D 86 20.06 -2.87 10.26
C MET D 86 21.22 -2.44 9.36
N GLN D 87 21.71 -1.22 9.49
CA GLN D 87 22.83 -0.77 8.69
C GLN D 87 24.12 -1.48 9.07
N VAL D 88 24.32 -1.81 10.33
CA VAL D 88 25.56 -2.46 10.69
C VAL D 88 25.51 -3.93 10.28
N VAL D 89 24.33 -4.50 10.25
CA VAL D 89 24.16 -5.87 9.83
C VAL D 89 24.36 -5.99 8.31
N MET D 90 24.11 -4.92 7.57
CA MET D 90 24.31 -4.96 6.14
C MET D 90 25.73 -5.42 5.82
N PHE D 91 26.74 -5.13 6.64
CA PHE D 91 28.07 -5.62 6.32
C PHE D 91 28.12 -7.15 6.32
N TYR D 92 27.39 -7.76 7.23
CA TYR D 92 27.32 -9.21 7.21
C TYR D 92 26.48 -9.70 6.04
N VAL D 93 25.30 -9.13 5.82
CA VAL D 93 24.42 -9.64 4.79
C VAL D 93 25.11 -9.58 3.41
N ILE D 94 25.90 -8.54 3.19
CA ILE D 94 26.60 -8.38 1.93
C ILE D 94 27.68 -9.44 1.80
N LEU D 95 28.36 -9.77 2.88
CA LEU D 95 29.43 -10.74 2.78
C LEU D 95 28.84 -12.12 2.53
N THR D 96 27.73 -12.44 3.18
CA THR D 96 27.15 -13.76 2.98
C THR D 96 26.63 -13.88 1.55
N ALA D 97 26.39 -12.75 0.87
CA ALA D 97 25.99 -12.81 -0.53
C ALA D 97 27.10 -13.38 -1.39
N VAL D 98 28.36 -13.19 -1.01
CA VAL D 98 29.42 -13.39 -1.98
C VAL D 98 30.46 -14.35 -1.45
N THR D 99 30.42 -14.65 -0.14
CA THR D 99 31.47 -15.44 0.47
C THR D 99 30.84 -16.17 1.66
N LYS D 100 31.67 -16.84 2.46
CA LYS D 100 31.20 -17.58 3.62
C LYS D 100 31.81 -16.94 4.85
N VAL D 101 30.96 -16.50 5.78
CA VAL D 101 31.41 -15.83 6.99
C VAL D 101 30.73 -16.46 8.19
N SER D 102 31.44 -16.49 9.33
CA SER D 102 30.87 -17.02 10.56
C SER D 102 29.61 -16.26 10.97
N SER D 103 28.66 -16.95 11.60
CA SER D 103 27.44 -16.30 12.08
C SER D 103 27.75 -15.32 13.21
N ALA D 104 28.85 -15.58 13.93
CA ALA D 104 29.34 -14.77 15.03
C ALA D 104 29.53 -13.31 14.63
N LEU D 105 30.00 -13.08 13.40
CA LEU D 105 30.12 -11.72 12.94
C LEU D 105 28.75 -11.04 13.08
N PHE D 106 27.66 -11.72 12.72
CA PHE D 106 26.36 -11.10 12.83
C PHE D 106 26.19 -10.57 14.24
N TRP D 107 26.44 -11.37 15.25
CA TRP D 107 26.14 -10.98 16.63
C TRP D 107 27.16 -9.97 17.13
N ARG D 108 28.43 -10.07 16.77
CA ARG D 108 29.34 -9.02 17.19
C ARG D 108 28.87 -7.66 16.67
N LEU D 109 28.55 -7.59 15.39
CA LEU D 109 28.09 -6.36 14.79
C LEU D 109 26.81 -5.87 15.45
N LEU D 110 25.77 -6.70 15.60
CA LEU D 110 24.50 -6.26 16.16
C LEU D 110 24.68 -5.78 17.60
N ILE D 111 25.31 -6.59 18.42
CA ILE D 111 25.53 -6.22 19.81
C ILE D 111 26.32 -4.91 19.85
N GLY D 112 27.16 -4.68 18.87
CA GLY D 112 27.97 -3.46 18.87
C GLY D 112 27.12 -2.22 18.63
N ALA D 113 26.16 -2.35 17.70
CA ALA D 113 25.19 -1.31 17.41
C ALA D 113 24.28 -1.08 18.60
N LEU D 114 23.82 -2.16 19.22
CA LEU D 114 22.90 -1.99 20.33
C LEU D 114 23.60 -1.26 21.48
N VAL D 115 24.88 -1.47 21.68
CA VAL D 115 25.57 -0.76 22.75
C VAL D 115 25.70 0.72 22.44
N MET D 116 26.02 1.05 21.17
CA MET D 116 26.15 2.44 20.74
C MET D 116 24.86 3.23 20.98
N VAL D 117 23.73 2.73 20.50
CA VAL D 117 22.49 3.48 20.59
C VAL D 117 21.99 3.47 22.04
N ILE D 118 22.00 2.31 22.68
CA ILE D 118 21.41 2.20 24.00
C ILE D 118 22.28 3.00 24.97
N GLY D 119 23.60 2.93 24.81
CA GLY D 119 24.52 3.71 25.64
C GLY D 119 24.22 5.22 25.56
N GLY D 120 23.93 5.72 24.37
CA GLY D 120 23.61 7.12 24.21
C GLY D 120 22.19 7.44 24.68
N PHE D 121 21.22 6.53 24.48
CA PHE D 121 19.86 6.76 24.94
C PHE D 121 19.87 6.92 26.45
N LEU D 122 20.52 6.01 27.15
CA LEU D 122 20.59 6.08 28.61
C LEU D 122 21.16 7.43 29.04
N GLY D 123 22.15 7.93 28.33
CA GLY D 123 22.70 9.24 28.65
C GLY D 123 21.82 10.43 28.24
N ALA D 124 21.00 10.27 27.21
CA ALA D 124 20.13 11.34 26.75
C ALA D 124 18.82 11.38 27.54
N ALA D 125 18.31 10.21 27.92
CA ALA D 125 17.04 10.12 28.64
C ALA D 125 17.23 10.57 30.09
N GLY D 126 18.44 10.42 30.64
CA GLY D 126 18.72 10.87 31.98
C GLY D 126 18.99 9.70 32.93
N TYR D 127 18.86 8.49 32.40
CA TYR D 127 19.01 7.29 33.20
C TYR D 127 20.47 7.10 33.62
N MET D 128 21.39 7.89 33.05
CA MET D 128 22.77 7.84 33.52
C MET D 128 23.52 9.10 33.04
N SER D 129 24.67 9.40 33.64
CA SER D 129 25.41 10.58 33.24
C SER D 129 25.55 10.60 31.72
N ALA D 130 25.36 11.76 31.09
CA ALA D 130 25.62 11.84 29.65
C ALA D 130 27.06 11.50 29.36
N THR D 131 27.98 11.77 30.28
CA THR D 131 29.36 11.39 30.07
C THR D 131 29.43 9.89 29.83
N LEU D 132 28.87 9.12 30.77
CA LEU D 132 28.94 7.66 30.69
C LEU D 132 28.13 7.16 29.49
N GLY D 133 27.11 7.92 29.10
CA GLY D 133 26.39 7.69 27.86
C GLY D 133 27.30 7.83 26.65
N PHE D 134 28.03 8.94 26.58
CA PHE D 134 28.97 9.15 25.49
C PHE D 134 29.98 8.00 25.46
N ILE D 135 30.58 7.70 26.61
CA ILE D 135 31.68 6.77 26.63
C ILE D 135 31.18 5.41 26.13
N ILE D 136 30.03 4.98 26.62
CA ILE D 136 29.51 3.69 26.22
C ILE D 136 29.13 3.72 24.73
N GLY D 137 28.60 4.84 24.26
CA GLY D 137 28.26 4.97 22.86
C GLY D 137 29.50 4.86 21.97
N VAL D 138 30.58 5.57 22.34
CA VAL D 138 31.78 5.62 21.52
C VAL D 138 32.45 4.25 21.55
N VAL D 139 32.40 3.56 22.69
CA VAL D 139 32.98 2.24 22.73
C VAL D 139 32.23 1.35 21.75
N GLY D 140 30.92 1.50 21.69
CA GLY D 140 30.13 0.68 20.78
C GLY D 140 30.53 0.94 19.32
N TRP D 141 30.70 2.21 18.98
CA TRP D 141 31.10 2.60 17.65
C TRP D 141 32.47 2.03 17.32
N LEU D 142 33.44 2.30 18.20
CA LEU D 142 34.81 1.93 17.91
C LEU D 142 34.95 0.42 17.75
N TYR D 143 34.11 -0.37 18.43
CA TYR D 143 34.05 -1.78 18.09
C TYR D 143 33.68 -1.89 16.62
N ILE D 144 32.51 -1.35 16.23
CA ILE D 144 31.99 -1.57 14.90
C ILE D 144 33.07 -1.18 13.91
N LEU D 145 33.73 -0.05 14.13
CA LEU D 145 34.77 0.38 13.21
C LEU D 145 35.89 -0.64 13.25
N GLY D 146 36.33 -1.02 14.46
CA GLY D 146 37.34 -2.06 14.61
C GLY D 146 37.00 -3.33 13.82
N GLU D 147 35.75 -3.76 13.85
CA GLU D 147 35.40 -4.96 13.12
C GLU D 147 35.64 -4.75 11.63
N ILE D 148 35.14 -3.64 11.09
CA ILE D 148 35.04 -3.49 9.65
C ILE D 148 36.37 -2.99 9.10
N TYR D 149 37.26 -2.51 9.95
CA TYR D 149 38.55 -2.08 9.46
C TYR D 149 39.60 -3.18 9.66
N MET D 150 39.60 -3.85 10.82
CA MET D 150 40.69 -4.77 11.12
C MET D 150 40.16 -6.04 11.79
N GLY D 151 38.98 -6.50 11.40
CA GLY D 151 38.36 -7.67 12.00
C GLY D 151 38.00 -8.73 10.96
N GLU D 152 37.07 -9.61 11.35
CA GLU D 152 36.66 -10.72 10.49
C GLU D 152 35.95 -10.15 9.27
N ALA D 153 35.22 -9.05 9.48
CA ALA D 153 34.53 -8.47 8.36
C ALA D 153 35.54 -7.97 7.34
N SER D 154 36.64 -7.38 7.81
CA SER D 154 37.65 -6.84 6.89
C SER D 154 38.39 -7.95 6.18
N ARG D 155 38.74 -9.01 6.91
CA ARG D 155 39.49 -10.11 6.33
C ARG D 155 38.61 -10.89 5.37
N CYS D 156 37.33 -11.06 5.70
CA CYS D 156 36.39 -11.74 4.81
C CYS D 156 36.21 -10.97 3.52
N ASN D 157 36.21 -9.66 3.59
CA ASN D 157 36.13 -8.82 2.42
C ASN D 157 37.33 -9.09 1.50
N ILE D 158 38.55 -9.04 2.06
CA ILE D 158 39.76 -9.25 1.29
C ILE D 158 39.75 -10.62 0.61
N GLU D 159 39.25 -11.65 1.30
CA GLU D 159 39.31 -13.01 0.79
C GLU D 159 38.13 -13.33 -0.14
N SER D 160 37.10 -12.47 -0.17
CA SER D 160 35.95 -12.72 -1.03
C SER D 160 36.37 -12.77 -2.50
N GLY D 161 37.21 -11.80 -2.91
CA GLY D 161 37.63 -11.67 -4.30
C GLY D 161 36.56 -10.96 -5.14
N ASN D 162 35.45 -10.57 -4.49
CA ASN D 162 34.36 -9.90 -5.19
C ASN D 162 34.73 -8.43 -5.31
N GLU D 163 34.72 -7.89 -6.53
CA GLU D 163 35.10 -6.50 -6.73
C GLU D 163 33.96 -5.62 -6.24
N ALA D 164 32.73 -6.10 -6.33
CA ALA D 164 31.59 -5.33 -5.88
C ALA D 164 31.64 -5.18 -4.38
N THR D 165 31.88 -6.29 -3.70
CA THR D 165 31.99 -6.27 -2.26
C THR D 165 33.22 -5.47 -1.82
N HIS D 166 34.25 -5.34 -2.65
CA HIS D 166 35.34 -4.47 -2.28
C HIS D 166 34.87 -3.03 -2.29
N MET D 167 34.11 -2.64 -3.31
CA MET D 167 33.75 -1.25 -3.43
C MET D 167 32.74 -0.89 -2.35
N ALA D 168 31.82 -1.81 -2.10
CA ALA D 168 30.79 -1.59 -1.09
C ALA D 168 31.43 -1.31 0.26
N PHE D 169 32.28 -2.23 0.68
CA PHE D 169 32.99 -2.09 1.94
C PHE D 169 33.71 -0.76 1.99
N ASN D 170 34.48 -0.43 0.94
CA ASN D 170 35.28 0.77 1.01
C ASN D 170 34.37 1.98 1.19
N GLY D 171 33.16 1.88 0.66
CA GLY D 171 32.25 3.01 0.67
C GLY D 171 31.43 3.05 1.93
N LEU D 172 30.92 1.91 2.37
CA LEU D 172 30.17 1.88 3.62
C LEU D 172 31.10 2.21 4.78
N ARG D 173 32.35 1.73 4.76
CA ARG D 173 33.25 2.03 5.85
C ARG D 173 33.47 3.53 5.99
N LEU D 174 33.40 4.22 4.86
CA LEU D 174 33.64 5.65 4.86
C LEU D 174 32.42 6.38 5.38
N ILE D 175 31.23 5.85 5.10
CA ILE D 175 30.04 6.46 5.63
C ILE D 175 30.02 6.31 7.14
N LEU D 176 30.34 5.10 7.63
CA LEU D 176 30.29 4.78 9.05
C LEU D 176 31.38 5.53 9.79
N THR D 177 32.37 6.08 9.08
CA THR D 177 33.48 6.70 9.79
C THR D 177 33.32 8.21 9.80
N ILE D 178 32.91 8.78 8.68
CA ILE D 178 32.82 10.23 8.56
C ILE D 178 31.37 10.63 8.77
N GLY D 179 30.49 10.07 7.95
CA GLY D 179 29.07 10.38 8.02
C GLY D 179 28.52 10.23 9.44
N TRP D 180 28.80 9.10 10.08
CA TRP D 180 28.22 8.76 11.35
C TRP D 180 28.90 9.52 12.46
N ALA D 181 29.93 10.31 12.16
CA ALA D 181 30.63 11.03 13.22
C ALA D 181 29.87 12.30 13.58
N ILE D 182 28.83 12.64 12.82
CA ILE D 182 28.05 13.82 13.11
C ILE D 182 27.26 13.58 14.40
N TYR D 183 26.72 12.36 14.54
CA TYR D 183 25.76 12.10 15.60
C TYR D 183 26.44 12.20 16.98
N PRO D 184 27.57 11.52 17.18
CA PRO D 184 28.34 11.66 18.40
C PRO D 184 28.64 13.13 18.66
N LEU D 185 29.08 13.85 17.62
CA LEU D 185 29.41 15.24 17.79
C LEU D 185 28.21 15.99 18.37
N GLY D 186 27.06 15.83 17.73
CA GLY D 186 25.80 16.42 18.17
C GLY D 186 25.58 16.14 19.66
N TYR D 187 25.74 14.88 20.03
CA TYR D 187 25.44 14.44 21.37
C TYR D 187 26.37 15.17 22.32
N PHE D 188 27.65 15.25 21.93
CA PHE D 188 28.63 15.87 22.77
C PHE D 188 28.27 17.34 23.01
N ILE D 189 28.01 18.07 21.92
CA ILE D 189 27.81 19.50 22.03
C ILE D 189 26.50 19.77 22.78
N ASN D 190 25.44 19.06 22.40
CA ASN D 190 24.15 19.25 23.04
C ASN D 190 24.20 18.87 24.54
N ASN D 191 24.83 17.75 24.88
CA ASN D 191 24.72 17.21 26.23
C ASN D 191 25.98 17.51 27.05
N LEU D 192 27.13 17.02 26.62
CA LEU D 192 28.35 17.18 27.40
C LEU D 192 28.90 18.59 27.28
N GLY D 193 28.38 19.36 26.31
CA GLY D 193 28.90 20.67 26.00
C GLY D 193 27.91 21.76 26.40
N GLY D 194 27.94 22.88 25.69
CA GLY D 194 27.07 24.01 25.98
C GLY D 194 25.60 23.68 25.76
N GLY D 195 25.31 23.12 24.59
CA GLY D 195 23.95 22.84 24.16
C GLY D 195 23.68 23.45 22.80
N VAL D 196 22.73 22.85 22.07
CA VAL D 196 22.27 23.39 20.79
C VAL D 196 20.75 23.50 20.86
N ASP D 197 20.19 24.59 20.33
CA ASP D 197 18.74 24.67 20.17
C ASP D 197 18.29 23.40 19.46
N ALA D 198 17.22 22.78 19.95
CA ALA D 198 16.74 21.55 19.35
C ALA D 198 16.28 21.78 17.92
N ASN D 199 15.85 23.01 17.62
CA ASN D 199 15.43 23.33 16.26
C ASN D 199 16.61 23.18 15.32
N SER D 200 17.77 23.67 15.74
CA SER D 200 18.95 23.63 14.90
C SER D 200 19.52 22.22 14.78
N LEU D 201 19.41 21.45 15.85
CA LEU D 201 19.92 20.09 15.89
C LEU D 201 18.97 19.19 15.12
N ASN D 202 17.68 19.53 15.06
CA ASN D 202 16.76 18.78 14.21
C ASN D 202 17.08 19.00 12.73
N ILE D 203 17.70 20.13 12.37
CA ILE D 203 17.98 20.41 10.97
C ILE D 203 19.19 19.59 10.55
N ILE D 204 20.24 19.69 11.36
CA ILE D 204 21.48 18.99 11.12
C ILE D 204 21.26 17.48 11.07
N TYR D 205 20.46 16.96 11.98
CA TYR D 205 20.22 15.55 11.99
C TYR D 205 19.35 15.16 10.80
N ASN D 206 18.40 16.00 10.42
CA ASN D 206 17.60 15.76 9.25
C ASN D 206 18.44 15.73 7.98
N LEU D 207 19.37 16.66 7.84
CA LEU D 207 20.21 16.66 6.66
C LEU D 207 21.20 15.50 6.67
N THR D 208 21.74 15.16 7.83
CA THR D 208 22.74 14.12 7.89
C THR D 208 22.06 12.79 7.59
N ASP D 209 20.80 12.65 7.97
CA ASP D 209 20.08 11.42 7.71
C ASP D 209 19.85 11.27 6.21
N PHE D 210 19.62 12.38 5.54
CA PHE D 210 19.42 12.35 4.10
C PHE D 210 20.67 11.79 3.41
N LEU D 211 21.85 12.17 3.89
CA LEU D 211 23.09 11.76 3.25
C LEU D 211 23.63 10.43 3.79
N ASN D 212 23.31 10.05 5.00
CA ASN D 212 23.84 8.84 5.58
C ASN D 212 22.90 7.66 5.33
N LYS D 213 21.81 7.90 4.62
CA LYS D 213 20.87 6.84 4.37
C LYS D 213 20.68 6.67 2.88
N ILE D 214 20.82 7.75 2.14
CA ILE D 214 20.72 7.69 0.71
C ILE D 214 22.06 7.21 0.18
N ILE D 215 23.14 7.88 0.53
CA ILE D 215 24.45 7.43 0.07
C ILE D 215 24.72 5.99 0.52
N PHE D 216 24.25 5.60 1.68
CA PHE D 216 24.43 4.22 2.07
C PHE D 216 23.70 3.30 1.10
N GLY D 217 22.46 3.66 0.77
CA GLY D 217 21.60 2.85 -0.06
C GLY D 217 22.14 2.74 -1.46
N PHE D 218 22.63 3.84 -1.99
CA PHE D 218 23.14 3.82 -3.34
C PHE D 218 24.47 3.07 -3.42
N VAL D 219 25.29 3.16 -2.38
CA VAL D 219 26.49 2.37 -2.38
C VAL D 219 26.12 0.90 -2.47
N VAL D 220 25.21 0.43 -1.64
CA VAL D 220 24.84 -0.99 -1.60
C VAL D 220 24.13 -1.38 -2.90
N TYR D 221 23.26 -0.52 -3.42
CA TYR D 221 22.58 -0.83 -4.67
C TYR D 221 23.55 -0.96 -5.83
N ARG D 222 24.52 -0.06 -5.96
CA ARG D 222 25.54 -0.22 -6.98
C ARG D 222 26.32 -1.53 -6.84
N ALA D 223 26.57 -1.99 -5.63
CA ALA D 223 27.29 -3.23 -5.44
C ALA D 223 26.45 -4.39 -5.98
N ALA D 224 25.14 -4.35 -5.73
CA ALA D 224 24.31 -5.46 -6.13
C ALA D 224 24.11 -5.47 -7.63
N MET D 225 24.02 -4.26 -8.20
CA MET D 225 23.78 -4.10 -9.61
C MET D 225 25.08 -4.37 -10.33
N ASN D 226 26.22 -4.10 -9.73
CA ASN D 226 27.44 -4.26 -10.47
C ASN D 226 27.82 -5.73 -10.49
N ASP D 227 27.61 -6.39 -9.36
CA ASP D 227 27.93 -7.79 -9.27
C ASP D 227 26.99 -8.59 -10.16
N THR D 228 25.72 -8.17 -10.23
CA THR D 228 24.78 -8.90 -11.03
C THR D 228 25.30 -8.91 -12.46
N GLN D 229 25.79 -7.75 -12.91
CA GLN D 229 26.14 -7.58 -14.31
C GLN D 229 27.44 -8.31 -14.58
N ALA D 230 28.38 -8.17 -13.68
CA ALA D 230 29.64 -8.89 -13.78
C ALA D 230 29.41 -10.37 -14.04
N ARG D 231 28.45 -10.96 -13.33
CA ARG D 231 28.15 -12.37 -13.49
C ARG D 231 27.57 -12.62 -14.89
N LEU D 232 26.71 -11.73 -15.38
CA LEU D 232 26.08 -11.92 -16.68
C LEU D 232 27.13 -11.79 -17.77
N ASP D 233 28.11 -10.92 -17.54
CA ASP D 233 29.17 -10.68 -18.52
C ASP D 233 30.10 -11.88 -18.58
N GLU D 234 30.28 -12.58 -17.45
CA GLU D 234 31.15 -13.75 -17.44
C GLU D 234 30.38 -14.95 -18.00
N ILE D 235 29.05 -14.94 -17.88
CA ILE D 235 28.22 -15.99 -18.47
C ILE D 235 28.31 -15.88 -19.99
N LYS D 236 28.32 -14.64 -20.50
CA LYS D 236 28.40 -14.38 -21.94
C LYS D 236 29.75 -14.86 -22.48
N LYS D 237 30.80 -14.81 -21.64
CA LYS D 237 32.11 -15.32 -22.00
C LYS D 237 32.29 -16.75 -21.45
N SER E 3 -21.41 33.14 -7.56
CA SER E 3 -21.20 31.90 -8.37
C SER E 3 -19.71 31.71 -8.62
N THR E 4 -19.07 32.71 -9.26
CA THR E 4 -17.70 32.56 -9.71
C THR E 4 -16.84 31.99 -8.58
N LEU E 5 -16.23 30.83 -8.80
CA LEU E 5 -15.35 30.23 -7.83
C LEU E 5 -14.20 31.21 -7.59
N LEU E 6 -13.75 31.28 -6.34
CA LEU E 6 -12.67 32.17 -5.94
C LEU E 6 -11.33 31.44 -6.15
N PRO E 7 -10.25 32.16 -6.51
CA PRO E 7 -8.91 31.56 -6.59
C PRO E 7 -8.60 30.62 -5.45
N THR E 8 -9.02 30.97 -4.24
CA THR E 8 -8.69 30.17 -3.06
C THR E 8 -9.27 28.77 -3.24
N ASP E 9 -10.45 28.71 -3.89
CA ASP E 9 -11.18 27.46 -4.11
C ASP E 9 -10.44 26.60 -5.12
N ILE E 10 -9.92 27.27 -6.13
CA ILE E 10 -9.23 26.62 -7.21
C ILE E 10 -7.84 26.21 -6.73
N VAL E 11 -7.30 26.83 -5.68
CA VAL E 11 -5.99 26.45 -5.19
C VAL E 11 -6.04 25.06 -4.54
N GLY E 12 -7.00 24.84 -3.66
CA GLY E 12 -7.03 23.60 -2.93
C GLY E 12 -7.64 22.47 -3.77
N GLY E 13 -8.32 22.86 -4.85
CA GLY E 13 -8.87 21.87 -5.75
C GLY E 13 -7.75 21.31 -6.60
N THR E 14 -6.94 22.22 -7.12
CA THR E 14 -5.83 21.78 -7.95
C THR E 14 -4.84 20.99 -7.12
N PHE E 15 -4.71 21.21 -5.82
CA PHE E 15 -3.79 20.41 -5.02
C PHE E 15 -4.28 18.98 -5.00
N TRP E 16 -5.61 18.79 -5.11
CA TRP E 16 -6.21 17.45 -5.09
C TRP E 16 -6.01 16.78 -6.44
N LEU E 17 -6.22 17.56 -7.50
CA LEU E 17 -6.06 17.08 -8.84
C LEU E 17 -4.66 16.51 -8.95
N LEU E 18 -3.67 17.23 -8.41
CA LEU E 18 -2.28 16.94 -8.66
C LEU E 18 -1.90 15.69 -7.90
N SER E 19 -2.52 15.53 -6.76
CA SER E 19 -2.26 14.42 -5.88
C SER E 19 -2.81 13.13 -6.49
N MET E 20 -3.97 13.23 -7.13
CA MET E 20 -4.66 12.09 -7.70
C MET E 20 -3.95 11.69 -8.99
N ALA E 21 -3.60 12.69 -9.80
CA ALA E 21 -3.08 12.43 -11.13
C ALA E 21 -1.71 11.78 -11.00
N LEU E 22 -0.95 12.21 -9.99
CA LEU E 22 0.44 11.81 -9.83
C LEU E 22 0.51 10.48 -9.10
N ILE E 23 -0.43 10.19 -8.22
CA ILE E 23 -0.49 8.84 -7.68
C ILE E 23 -0.95 7.86 -8.76
N GLY E 24 -1.83 8.32 -9.65
CA GLY E 24 -2.28 7.48 -10.74
C GLY E 24 -1.14 7.20 -11.70
N ALA E 25 -0.43 8.22 -12.12
CA ALA E 25 0.65 8.01 -13.05
C ALA E 25 1.75 7.19 -12.42
N SER E 26 1.96 7.37 -11.13
CA SER E 26 2.96 6.58 -10.45
C SER E 26 2.65 5.09 -10.54
N ILE E 27 1.41 4.70 -10.20
CA ILE E 27 1.07 3.28 -10.15
C ILE E 27 1.10 2.74 -11.55
N PHE E 28 0.82 3.58 -12.53
CA PHE E 28 0.72 3.10 -13.89
C PHE E 28 2.12 2.80 -14.40
N PHE E 29 3.11 3.61 -14.02
CA PHE E 29 4.45 3.47 -14.56
C PHE E 29 5.14 2.35 -13.81
N LEU E 30 4.75 2.13 -12.57
CA LEU E 30 5.39 1.10 -11.77
C LEU E 30 4.81 -0.25 -12.14
N LEU E 31 3.57 -0.30 -12.62
CA LEU E 31 2.94 -1.55 -12.98
C LEU E 31 3.33 -1.94 -14.39
N GLU E 32 3.55 -0.95 -15.24
CA GLU E 32 3.95 -1.22 -16.60
C GLU E 32 5.46 -1.40 -16.72
N ARG E 33 6.17 -1.44 -15.59
CA ARG E 33 7.62 -1.57 -15.67
C ARG E 33 7.98 -3.02 -15.94
N ASN E 34 7.01 -3.92 -15.78
CA ASN E 34 7.25 -5.34 -15.92
C ASN E 34 7.04 -5.77 -17.37
N ARG E 35 6.62 -4.84 -18.23
N ARG E 35 6.63 -4.85 -18.24
CA ARG E 35 6.27 -5.16 -19.59
CA ARG E 35 6.29 -5.23 -19.60
C ARG E 35 7.28 -4.56 -20.57
C ARG E 35 7.24 -4.52 -20.58
N VAL E 36 8.16 -3.71 -20.08
CA VAL E 36 9.21 -3.16 -20.92
C VAL E 36 10.42 -4.11 -20.85
N ASP E 37 11.20 -4.13 -21.93
CA ASP E 37 12.47 -4.82 -21.92
C ASP E 37 13.25 -4.50 -20.64
N GLY E 38 13.98 -5.46 -20.10
CA GLY E 38 14.61 -5.27 -18.81
C GLY E 38 15.61 -4.12 -18.80
N ARG E 39 16.14 -3.73 -19.95
CA ARG E 39 17.10 -2.64 -19.96
C ARG E 39 16.38 -1.36 -19.55
N TRP E 40 15.04 -1.32 -19.68
CA TRP E 40 14.26 -0.15 -19.33
C TRP E 40 13.65 -0.24 -17.93
N HIS E 41 14.09 -1.14 -17.06
CA HIS E 41 13.40 -1.32 -15.79
C HIS E 41 13.70 -0.20 -14.79
N THR E 42 14.96 0.27 -14.73
CA THR E 42 15.37 1.35 -13.85
C THR E 42 14.75 2.65 -14.36
N THR E 43 14.63 2.80 -15.66
CA THR E 43 14.01 4.00 -16.19
C THR E 43 12.58 4.12 -15.71
N MET E 44 11.90 2.99 -15.69
CA MET E 44 10.49 2.94 -15.35
C MET E 44 10.30 2.98 -13.84
N THR E 45 11.32 2.56 -13.09
CA THR E 45 11.23 2.55 -11.65
C THR E 45 11.49 3.95 -11.13
N LEU E 46 12.40 4.65 -11.77
CA LEU E 46 12.66 6.02 -11.44
C LEU E 46 11.50 6.92 -11.89
N LEU E 47 10.84 6.55 -12.97
CA LEU E 47 9.71 7.35 -13.39
C LEU E 47 8.58 7.21 -12.38
N GLY E 48 8.25 6.00 -11.99
CA GLY E 48 7.16 5.86 -11.07
C GLY E 48 7.46 6.47 -9.71
N VAL E 49 8.72 6.40 -9.25
CA VAL E 49 9.07 6.91 -7.94
C VAL E 49 9.20 8.43 -7.96
N THR E 50 9.54 9.00 -9.10
CA THR E 50 9.46 10.43 -9.18
C THR E 50 8.04 10.90 -8.94
N MET E 51 7.08 10.25 -9.59
CA MET E 51 5.68 10.66 -9.50
C MET E 51 5.16 10.43 -8.08
N LEU E 52 5.57 9.34 -7.43
CA LEU E 52 5.14 9.05 -6.08
C LEU E 52 5.64 10.12 -5.11
N ILE E 53 6.86 10.60 -5.31
CA ILE E 53 7.44 11.59 -4.43
C ILE E 53 6.63 12.86 -4.57
N SER E 54 6.28 13.22 -5.79
CA SER E 54 5.55 14.45 -5.98
C SER E 54 4.14 14.29 -5.44
N ALA E 55 3.54 13.11 -5.54
CA ALA E 55 2.20 12.90 -5.02
C ALA E 55 2.16 13.06 -3.52
N ILE E 56 3.22 12.62 -2.86
CA ILE E 56 3.29 12.69 -1.40
C ILE E 56 3.45 14.14 -1.03
N PHE E 57 4.16 14.91 -1.86
CA PHE E 57 4.29 16.29 -1.53
C PHE E 57 2.91 16.93 -1.53
N TYR E 58 2.13 16.69 -2.57
CA TYR E 58 0.87 17.36 -2.73
C TYR E 58 -0.10 16.88 -1.66
N TYR E 59 0.08 15.65 -1.15
CA TYR E 59 -0.74 15.21 -0.04
C TYR E 59 -0.41 16.04 1.20
N TYR E 60 0.88 16.26 1.48
CA TYR E 60 1.25 17.12 2.59
C TYR E 60 0.68 18.52 2.40
N VAL E 61 0.80 19.07 1.21
CA VAL E 61 0.49 20.46 1.06
C VAL E 61 -1.01 20.65 1.15
N GLN E 62 -1.78 19.68 0.69
CA GLN E 62 -3.21 19.86 0.72
C GLN E 62 -3.67 19.90 2.17
N GLY E 63 -3.01 19.12 3.04
CA GLY E 63 -3.31 19.15 4.46
C GLY E 63 -3.01 20.53 5.05
N MET E 64 -1.86 21.10 4.74
CA MET E 64 -1.50 22.41 5.22
C MET E 64 -2.53 23.45 4.75
N TRP E 65 -3.08 23.25 3.55
CA TRP E 65 -4.01 24.23 3.01
C TRP E 65 -5.34 24.10 3.72
N VAL E 66 -5.80 22.87 3.84
CA VAL E 66 -7.10 22.60 4.44
C VAL E 66 -7.13 23.16 5.86
N ASP E 67 -6.01 23.04 6.57
CA ASP E 67 -5.94 23.45 7.96
C ASP E 67 -5.66 24.95 8.03
N THR E 68 -4.46 25.34 7.64
CA THR E 68 -3.99 26.70 7.88
C THR E 68 -4.61 27.67 6.88
N GLY E 69 -4.93 27.16 5.68
CA GLY E 69 -5.45 28.01 4.61
C GLY E 69 -4.35 28.71 3.81
N LYS E 70 -3.09 28.43 4.16
CA LYS E 70 -1.95 29.03 3.48
C LYS E 70 -1.05 27.92 2.98
N ALA E 71 -0.43 28.13 1.80
CA ALA E 71 0.56 27.21 1.28
C ALA E 71 1.64 28.02 0.56
N PRO E 72 2.74 28.35 1.25
CA PRO E 72 3.78 29.18 0.64
C PRO E 72 4.44 28.56 -0.59
N ILE E 73 5.13 29.36 -1.38
CA ILE E 73 5.71 28.90 -2.64
C ILE E 73 7.12 28.35 -2.36
N VAL E 74 7.64 28.59 -1.16
CA VAL E 74 8.96 28.11 -0.78
C VAL E 74 8.80 26.65 -0.38
N LEU E 75 7.57 26.21 -0.20
CA LEU E 75 7.39 24.81 0.11
C LEU E 75 7.79 23.97 -1.09
N ARG E 76 7.79 24.56 -2.27
CA ARG E 76 7.95 23.77 -3.48
C ARG E 76 9.36 23.17 -3.52
N TYR E 77 10.32 23.90 -3.00
CA TYR E 77 11.69 23.50 -3.12
C TYR E 77 11.93 22.19 -2.37
N LEU E 78 11.02 21.72 -1.53
CA LEU E 78 11.14 20.34 -1.06
C LEU E 78 10.91 19.33 -2.19
N ASP E 79 9.80 19.48 -2.90
CA ASP E 79 9.54 18.61 -4.02
C ASP E 79 10.66 18.78 -5.04
N TRP E 80 10.94 20.01 -5.43
CA TRP E 80 11.86 20.24 -6.54
C TRP E 80 13.22 19.69 -6.22
N ILE E 81 13.72 19.87 -5.01
CA ILE E 81 15.06 19.39 -4.75
C ILE E 81 15.11 17.88 -5.04
N LEU E 82 14.00 17.18 -4.77
CA LEU E 82 13.97 15.74 -5.01
C LEU E 82 13.72 15.50 -6.48
N THR E 83 12.62 16.01 -7.00
CA THR E 83 12.08 15.57 -8.28
C THR E 83 12.77 16.20 -9.47
N VAL E 84 13.22 17.45 -9.40
CA VAL E 84 14.04 18.00 -10.47
C VAL E 84 15.32 17.19 -10.66
N SER E 85 15.91 16.75 -9.55
CA SER E 85 17.13 15.96 -9.58
C SER E 85 16.89 14.68 -10.35
N MET E 86 15.81 13.99 -9.99
CA MET E 86 15.51 12.73 -10.61
C MET E 86 15.18 12.90 -12.10
N GLN E 87 14.52 13.98 -12.47
CA GLN E 87 14.20 14.22 -13.87
C GLN E 87 15.45 14.52 -14.69
N VAL E 88 16.43 15.18 -14.12
CA VAL E 88 17.60 15.50 -14.93
C VAL E 88 18.48 14.26 -15.06
N VAL E 89 18.42 13.38 -14.08
CA VAL E 89 19.17 12.14 -14.12
C VAL E 89 18.55 11.17 -15.13
N MET E 90 17.25 11.31 -15.39
CA MET E 90 16.62 10.46 -16.37
C MET E 90 17.36 10.51 -17.69
N PHE E 91 17.97 11.63 -18.07
CA PHE E 91 18.70 11.64 -19.34
C PHE E 91 19.87 10.66 -19.31
N TYR E 92 20.52 10.54 -18.17
CA TYR E 92 21.57 9.55 -18.05
C TYR E 92 21.00 8.14 -18.02
N VAL E 93 19.98 7.90 -17.18
CA VAL E 93 19.47 6.55 -17.02
C VAL E 93 18.98 5.99 -18.36
N ILE E 94 18.40 6.85 -19.19
CA ILE E 94 17.89 6.44 -20.49
C ILE E 94 19.05 6.09 -21.40
N LEU E 95 20.14 6.85 -21.34
CA LEU E 95 21.25 6.57 -22.24
C LEU E 95 21.91 5.27 -21.85
N THR E 96 22.06 5.02 -20.55
CA THR E 96 22.73 3.81 -20.11
C THR E 96 21.87 2.61 -20.49
N ALA E 97 20.57 2.82 -20.71
CA ALA E 97 19.72 1.72 -21.16
C ALA E 97 20.15 1.23 -22.54
N VAL E 98 20.70 2.10 -23.38
CA VAL E 98 20.77 1.75 -24.78
C VAL E 98 22.18 1.90 -25.31
N THR E 99 23.06 2.53 -24.53
CA THR E 99 24.39 2.85 -25.03
C THR E 99 25.33 2.89 -23.85
N LYS E 100 26.61 3.25 -24.11
CA LYS E 100 27.63 3.36 -23.07
C LYS E 100 27.99 4.83 -22.89
N VAL E 101 27.82 5.32 -21.65
CA VAL E 101 28.02 6.72 -21.36
C VAL E 101 28.85 6.84 -20.09
N SER E 102 29.75 7.83 -20.03
CA SER E 102 30.58 8.03 -18.85
C SER E 102 29.72 8.28 -17.61
N SER E 103 30.17 7.81 -16.46
CA SER E 103 29.42 8.04 -15.23
C SER E 103 29.46 9.50 -14.81
N ALA E 104 30.49 10.21 -15.28
CA ALA E 104 30.68 11.64 -15.07
C ALA E 104 29.46 12.45 -15.51
N LEU E 105 28.83 12.04 -16.60
CA LEU E 105 27.62 12.71 -17.01
C LEU E 105 26.62 12.67 -15.85
N PHE E 106 26.50 11.55 -15.13
CA PHE E 106 25.56 11.50 -14.03
C PHE E 106 25.83 12.68 -13.10
N TRP E 107 27.08 12.89 -12.70
CA TRP E 107 27.36 13.89 -11.69
C TRP E 107 27.27 15.30 -12.28
N ARG E 108 27.67 15.53 -13.53
CA ARG E 108 27.47 16.84 -14.09
C ARG E 108 25.98 17.22 -14.06
N LEU E 109 25.13 16.32 -14.53
CA LEU E 109 23.72 16.56 -14.56
C LEU E 109 23.17 16.79 -13.15
N LEU E 110 23.46 15.92 -12.17
CA LEU E 110 22.92 16.06 -10.83
C LEU E 110 23.37 17.36 -10.19
N ILE E 111 24.66 17.63 -10.20
CA ILE E 111 25.18 18.85 -9.63
C ILE E 111 24.51 20.04 -10.31
N GLY E 112 24.18 19.91 -11.59
CA GLY E 112 23.56 21.02 -12.29
C GLY E 112 22.18 21.34 -11.76
N ALA E 113 21.42 20.27 -11.49
CA ALA E 113 20.10 20.37 -10.88
C ALA E 113 20.20 20.93 -9.47
N LEU E 114 21.15 20.43 -8.71
CA LEU E 114 21.25 20.88 -7.33
C LEU E 114 21.57 22.36 -7.27
N VAL E 115 22.35 22.88 -8.21
CA VAL E 115 22.64 24.30 -8.20
C VAL E 115 21.41 25.13 -8.55
N MET E 116 20.64 24.67 -9.53
CA MET E 116 19.42 25.35 -9.96
C MET E 116 18.43 25.51 -8.79
N VAL E 117 18.10 24.41 -8.10
CA VAL E 117 17.10 24.47 -7.06
C VAL E 117 17.67 25.18 -5.83
N ILE E 118 18.88 24.83 -5.43
CA ILE E 118 19.42 25.39 -4.20
C ILE E 118 19.67 26.86 -4.39
N GLY E 119 20.17 27.25 -5.58
CA GLY E 119 20.38 28.66 -5.89
C GLY E 119 19.09 29.47 -5.76
N GLY E 120 17.98 28.93 -6.22
CA GLY E 120 16.71 29.62 -6.10
C GLY E 120 16.14 29.55 -4.67
N PHE E 121 16.34 28.44 -3.95
CA PHE E 121 15.88 28.33 -2.58
C PHE E 121 16.53 29.41 -1.75
N LEU E 122 17.85 29.53 -1.84
CA LEU E 122 18.58 30.53 -1.08
C LEU E 122 18.01 31.92 -1.37
N GLY E 123 17.67 32.21 -2.61
CA GLY E 123 17.07 33.48 -2.94
C GLY E 123 15.60 33.63 -2.50
N ALA E 124 14.86 32.55 -2.40
CA ALA E 124 13.47 32.61 -1.97
C ALA E 124 13.34 32.62 -0.45
N ALA E 125 14.22 31.88 0.24
CA ALA E 125 14.17 31.77 1.68
C ALA E 125 14.65 33.07 2.33
N GLY E 126 15.54 33.81 1.65
CA GLY E 126 16.01 35.09 2.15
C GLY E 126 17.50 35.02 2.51
N TYR E 127 18.08 33.83 2.38
CA TYR E 127 19.46 33.60 2.75
C TYR E 127 20.40 34.34 1.79
N MET E 128 19.88 34.87 0.68
CA MET E 128 20.70 35.69 -0.19
C MET E 128 19.81 36.50 -1.12
N SER E 129 20.35 37.56 -1.75
CA SER E 129 19.55 38.38 -2.63
C SER E 129 18.80 37.47 -3.61
N ALA E 130 17.52 37.76 -3.88
CA ALA E 130 16.81 37.00 -4.90
C ALA E 130 17.49 37.18 -6.24
N THR E 131 18.14 38.31 -6.47
CA THR E 131 18.88 38.49 -7.71
C THR E 131 19.90 37.37 -7.85
N LEU E 132 20.76 37.23 -6.82
CA LEU E 132 21.83 36.25 -6.85
C LEU E 132 21.26 34.84 -6.84
N GLY E 133 20.06 34.68 -6.26
CA GLY E 133 19.30 33.45 -6.35
C GLY E 133 18.94 33.14 -7.80
N PHE E 134 18.35 34.11 -8.49
CA PHE E 134 17.99 33.93 -9.89
C PHE E 134 19.25 33.57 -10.69
N ILE E 135 20.31 34.34 -10.52
CA ILE E 135 21.47 34.18 -11.37
C ILE E 135 22.03 32.77 -11.19
N ILE E 136 22.14 32.34 -9.94
CA ILE E 136 22.70 31.02 -9.68
C ILE E 136 21.75 29.94 -10.21
N GLY E 137 20.45 30.16 -10.08
CA GLY E 137 19.49 29.21 -10.59
C GLY E 137 19.59 29.07 -12.11
N VAL E 138 19.67 30.21 -12.82
CA VAL E 138 19.69 30.20 -14.27
C VAL E 138 21.01 29.60 -14.76
N VAL E 139 22.10 29.85 -14.06
CA VAL E 139 23.35 29.24 -14.45
C VAL E 139 23.21 27.72 -14.34
N GLY E 140 22.53 27.25 -13.30
CA GLY E 140 22.35 25.82 -13.14
C GLY E 140 21.55 25.23 -14.29
N TRP E 141 20.48 25.91 -14.66
CA TRP E 141 19.65 25.47 -15.77
C TRP E 141 20.45 25.45 -17.06
N LEU E 142 21.09 26.58 -17.38
CA LEU E 142 21.75 26.69 -18.65
C LEU E 142 22.87 25.66 -18.80
N TYR E 143 23.50 25.23 -17.70
CA TYR E 143 24.34 24.07 -17.77
C TYR E 143 23.52 22.91 -18.31
N ILE E 144 22.45 22.55 -17.58
CA ILE E 144 21.70 21.34 -17.90
C ILE E 144 21.31 21.41 -19.37
N LEU E 145 20.83 22.55 -19.83
CA LEU E 145 20.45 22.67 -21.23
C LEU E 145 21.68 22.49 -22.08
N GLY E 146 22.78 23.16 -21.75
CA GLY E 146 24.04 22.98 -22.44
C GLY E 146 24.45 21.51 -22.56
N GLU E 147 24.28 20.75 -21.48
CA GLU E 147 24.66 19.34 -21.56
C GLU E 147 23.81 18.64 -22.61
N ILE E 148 22.50 18.82 -22.55
CA ILE E 148 21.58 17.96 -23.29
C ILE E 148 21.44 18.47 -24.71
N TYR E 149 21.90 19.69 -24.99
CA TYR E 149 21.83 20.17 -26.35
C TYR E 149 23.17 20.01 -27.06
N MET E 150 24.28 20.32 -26.37
CA MET E 150 25.58 20.34 -27.06
C MET E 150 26.68 19.72 -26.20
N GLY E 151 26.34 18.70 -25.43
CA GLY E 151 27.30 18.07 -24.53
C GLY E 151 27.39 16.56 -24.75
N GLU E 152 27.90 15.85 -23.75
CA GLU E 152 28.11 14.42 -23.85
C GLU E 152 26.76 13.73 -23.96
N ALA E 153 25.76 14.28 -23.29
CA ALA E 153 24.45 13.68 -23.37
C ALA E 153 23.95 13.76 -24.81
N SER E 154 24.19 14.88 -25.48
CA SER E 154 23.70 15.06 -26.85
C SER E 154 24.47 14.16 -27.82
N ARG E 155 25.78 14.08 -27.64
CA ARG E 155 26.62 13.29 -28.53
C ARG E 155 26.34 11.81 -28.32
N CYS E 156 26.12 11.40 -27.06
CA CYS E 156 25.81 10.00 -26.77
C CYS E 156 24.47 9.61 -27.39
N ASN E 157 23.52 10.54 -27.40
CA ASN E 157 22.24 10.30 -28.04
C ASN E 157 22.45 10.02 -29.52
N ILE E 158 23.18 10.90 -30.21
CA ILE E 158 23.42 10.76 -31.64
C ILE E 158 24.08 9.41 -31.96
N GLU E 159 25.02 8.98 -31.12
CA GLU E 159 25.80 7.77 -31.40
C GLU E 159 25.09 6.50 -30.91
N SER E 160 24.01 6.63 -30.13
CA SER E 160 23.30 5.46 -29.66
C SER E 160 22.74 4.66 -30.83
N GLY E 161 22.14 5.36 -31.79
CA GLY E 161 21.47 4.73 -32.93
C GLY E 161 20.08 4.24 -32.57
N ASN E 162 19.67 4.45 -31.31
CA ASN E 162 18.37 4.01 -30.82
C ASN E 162 17.35 5.05 -31.27
N GLU E 163 16.30 4.63 -31.96
CA GLU E 163 15.31 5.57 -32.46
C GLU E 163 14.45 6.01 -31.28
N ALA E 164 14.27 5.14 -30.30
CA ALA E 164 13.47 5.47 -29.14
C ALA E 164 14.18 6.55 -28.35
N THR E 165 15.46 6.34 -28.10
CA THR E 165 16.25 7.32 -27.37
C THR E 165 16.36 8.62 -28.18
N HIS E 166 16.25 8.58 -29.50
CA HIS E 166 16.22 9.84 -30.23
C HIS E 166 14.93 10.58 -29.91
N MET E 167 13.81 9.88 -29.88
CA MET E 167 12.55 10.58 -29.73
C MET E 167 12.44 11.09 -28.30
N ALA E 168 12.90 10.29 -27.35
CA ALA E 168 12.84 10.66 -25.94
C ALA E 168 13.59 11.96 -25.73
N PHE E 169 14.85 11.97 -26.13
CA PHE E 169 15.69 13.14 -26.01
C PHE E 169 15.01 14.34 -26.65
N ASN E 170 14.51 14.20 -27.89
CA ASN E 170 13.95 15.36 -28.56
C ASN E 170 12.78 15.90 -27.76
N GLY E 171 12.08 15.01 -27.07
CA GLY E 171 10.88 15.39 -26.37
C GLY E 171 11.18 15.90 -24.98
N LEU E 172 12.07 15.23 -24.26
CA LEU E 172 12.46 15.70 -22.94
C LEU E 172 13.20 17.04 -23.06
N ARG E 173 14.02 17.21 -24.08
CA ARG E 173 14.73 18.48 -24.24
C ARG E 173 13.74 19.63 -24.40
N LEU E 174 12.60 19.33 -25.00
CA LEU E 174 11.61 20.36 -25.25
C LEU E 174 10.86 20.67 -23.97
N ILE E 175 10.66 19.66 -23.13
CA ILE E 175 10.01 19.91 -21.86
C ILE E 175 10.90 20.79 -20.99
N LEU E 176 12.20 20.44 -20.94
CA LEU E 176 13.16 21.11 -20.09
C LEU E 176 13.42 22.52 -20.60
N THR E 177 13.03 22.82 -21.83
CA THR E 177 13.36 24.13 -22.38
C THR E 177 12.16 25.07 -22.29
N ILE E 178 10.98 24.55 -22.61
CA ILE E 178 9.80 25.39 -22.66
C ILE E 178 9.04 25.20 -21.35
N GLY E 179 8.68 23.94 -21.06
CA GLY E 179 7.92 23.62 -19.87
C GLY E 179 8.56 24.20 -18.61
N TRP E 180 9.87 23.98 -18.44
CA TRP E 180 10.56 24.32 -17.22
C TRP E 180 10.84 25.81 -17.19
N ALA E 181 10.49 26.54 -18.24
CA ALA E 181 10.78 27.97 -18.25
C ALA E 181 9.71 28.74 -17.47
N ILE E 182 8.65 28.06 -17.06
CA ILE E 182 7.59 28.71 -16.29
C ILE E 182 8.14 29.04 -14.91
N TYR E 183 8.94 28.13 -14.33
CA TYR E 183 9.31 28.25 -12.94
C TYR E 183 10.21 29.46 -12.74
N PRO E 184 11.28 29.61 -13.52
CA PRO E 184 12.10 30.80 -13.47
C PRO E 184 11.24 32.05 -13.65
N LEU E 185 10.33 32.01 -14.63
CA LEU E 185 9.48 33.16 -14.86
C LEU E 185 8.77 33.56 -13.57
N GLY E 186 8.10 32.57 -12.95
CA GLY E 186 7.41 32.74 -11.69
C GLY E 186 8.32 33.43 -10.67
N TYR E 187 9.53 32.90 -10.55
CA TYR E 187 10.45 33.37 -9.54
C TYR E 187 10.76 34.82 -9.82
N PHE E 188 10.99 35.14 -11.09
CA PHE E 188 11.34 36.49 -11.47
C PHE E 188 10.22 37.44 -11.09
N ILE E 189 8.99 37.12 -11.51
CA ILE E 189 7.88 38.05 -11.33
C ILE E 189 7.57 38.16 -9.84
N ASN E 190 7.51 37.04 -9.13
CA ASN E 190 7.20 37.05 -7.72
C ASN E 190 8.27 37.77 -6.91
N ASN E 191 9.55 37.50 -7.19
CA ASN E 191 10.62 37.92 -6.31
C ASN E 191 11.32 39.16 -6.85
N LEU E 192 11.86 39.09 -8.06
CA LEU E 192 12.64 40.19 -8.61
C LEU E 192 11.73 41.25 -9.19
N GLY E 193 10.45 40.93 -9.36
CA GLY E 193 9.50 41.82 -10.00
C GLY E 193 8.51 42.38 -9.00
N GLY E 194 7.32 42.73 -9.47
CA GLY E 194 6.27 43.29 -8.62
C GLY E 194 5.80 42.31 -7.56
N GLY E 195 5.53 41.06 -7.98
CA GLY E 195 5.00 40.04 -7.10
C GLY E 195 3.73 39.43 -7.70
N VAL E 196 3.44 38.19 -7.28
CA VAL E 196 2.20 37.50 -7.62
C VAL E 196 1.54 37.19 -6.28
N ASP E 197 0.25 36.84 -6.31
CA ASP E 197 -0.57 36.79 -5.12
C ASP E 197 -0.54 35.40 -4.46
N ALA E 198 0.43 34.57 -4.79
CA ALA E 198 0.66 33.33 -4.06
C ALA E 198 -0.46 32.33 -4.34
N ASN E 199 -1.71 32.74 -4.18
CA ASN E 199 -2.85 31.93 -4.59
C ASN E 199 -2.77 31.71 -6.10
N SER E 200 -2.49 32.77 -6.84
CA SER E 200 -2.43 32.68 -8.28
C SER E 200 -1.22 31.85 -8.72
N LEU E 201 -0.09 32.03 -8.03
CA LEU E 201 1.13 31.35 -8.35
C LEU E 201 1.02 29.88 -7.96
N ASN E 202 0.25 29.57 -6.92
CA ASN E 202 -0.01 28.17 -6.60
C ASN E 202 -0.82 27.48 -7.70
N ILE E 203 -1.64 28.22 -8.44
CA ILE E 203 -2.48 27.61 -9.46
C ILE E 203 -1.59 27.30 -10.67
N ILE E 204 -0.84 28.31 -11.08
CA ILE E 204 0.06 28.19 -12.21
C ILE E 204 1.07 27.08 -12.00
N TYR E 205 1.63 27.00 -10.80
CA TYR E 205 2.61 25.99 -10.53
C TYR E 205 1.93 24.62 -10.47
N ASN E 206 0.71 24.56 -9.94
CA ASN E 206 -0.03 23.33 -9.92
C ASN E 206 -0.35 22.83 -11.33
N LEU E 207 -0.74 23.73 -12.22
CA LEU E 207 -1.03 23.32 -13.57
C LEU E 207 0.25 22.96 -14.34
N THR E 208 1.32 23.71 -14.12
CA THR E 208 2.53 23.46 -14.86
C THR E 208 3.11 22.13 -14.42
N ASP E 209 2.91 21.77 -13.15
CA ASP E 209 3.42 20.50 -12.65
C ASP E 209 2.66 19.37 -13.30
N PHE E 210 1.38 19.56 -13.54
CA PHE E 210 0.57 18.54 -14.18
C PHE E 210 1.14 18.25 -15.58
N LEU E 211 1.53 19.28 -16.31
CA LEU E 211 2.00 19.11 -17.67
C LEU E 211 3.50 18.76 -17.76
N ASN E 212 4.31 19.20 -16.81
CA ASN E 212 5.72 18.97 -16.88
C ASN E 212 6.11 17.66 -16.21
N LYS E 213 5.12 16.93 -15.71
CA LYS E 213 5.41 15.69 -15.04
C LYS E 213 4.68 14.55 -15.72
N ILE E 214 3.54 14.86 -16.31
CA ILE E 214 2.80 13.87 -17.05
C ILE E 214 3.43 13.76 -18.43
N ILE E 215 3.56 14.85 -19.15
CA ILE E 215 4.20 14.78 -20.45
C ILE E 215 5.61 14.21 -20.34
N PHE E 216 6.31 14.51 -19.27
CA PHE E 216 7.62 13.91 -19.14
C PHE E 216 7.51 12.40 -19.04
N GLY E 217 6.57 11.94 -18.24
CA GLY E 217 6.40 10.53 -17.95
C GLY E 217 5.96 9.78 -19.19
N PHE E 218 5.04 10.37 -19.94
CA PHE E 218 4.55 9.70 -21.11
C PHE E 218 5.60 9.68 -22.22
N VAL E 219 6.41 10.72 -22.32
CA VAL E 219 7.49 10.68 -23.27
C VAL E 219 8.40 9.51 -22.96
N VAL E 220 8.83 9.37 -21.72
CA VAL E 220 9.75 8.32 -21.33
C VAL E 220 9.08 6.95 -21.46
N TYR E 221 7.82 6.83 -21.07
CA TYR E 221 7.13 5.56 -21.19
C TYR E 221 7.02 5.12 -22.65
N ARG E 222 6.65 6.02 -23.57
CA ARG E 222 6.64 5.67 -24.97
C ARG E 222 8.00 5.21 -25.48
N ALA E 223 9.08 5.79 -24.99
CA ALA E 223 10.40 5.39 -25.44
C ALA E 223 10.65 3.94 -24.99
N ALA E 224 10.25 3.61 -23.78
CA ALA E 224 10.55 2.29 -23.28
C ALA E 224 9.68 1.24 -23.96
N MET E 225 8.43 1.63 -24.26
CA MET E 225 7.49 0.74 -24.88
C MET E 225 7.85 0.62 -26.34
N ASN E 226 8.38 1.67 -26.94
CA ASN E 226 8.62 1.58 -28.37
C ASN E 226 9.86 0.75 -28.63
N ASP E 227 10.85 0.95 -27.78
CA ASP E 227 12.10 0.22 -27.94
C ASP E 227 11.87 -1.25 -27.63
N THR E 228 11.00 -1.52 -26.65
CA THR E 228 10.75 -2.90 -26.31
C THR E 228 10.23 -3.61 -27.55
N GLN E 229 9.33 -2.95 -28.27
CA GLN E 229 8.65 -3.58 -29.39
C GLN E 229 9.61 -3.71 -30.56
N ALA E 230 10.38 -2.66 -30.80
CA ALA E 230 11.40 -2.71 -31.84
C ALA E 230 12.26 -3.96 -31.70
N ARG E 231 12.66 -4.27 -30.48
CA ARG E 231 13.51 -5.42 -30.23
C ARG E 231 12.75 -6.71 -30.57
N LEU E 232 11.45 -6.77 -30.20
CA LEU E 232 10.66 -7.96 -30.43
C LEU E 232 10.47 -8.17 -31.92
N ASP E 233 10.35 -7.08 -32.66
CA ASP E 233 10.11 -7.15 -34.09
C ASP E 233 11.37 -7.60 -34.83
N GLU E 234 12.54 -7.26 -34.29
CA GLU E 234 13.79 -7.68 -34.91
C GLU E 234 14.07 -9.13 -34.54
N ILE E 235 13.58 -9.57 -33.38
CA ILE E 235 13.70 -10.98 -32.99
C ILE E 235 12.86 -11.84 -33.93
N LYS E 236 11.67 -11.34 -34.29
CA LYS E 236 10.75 -12.06 -35.17
C LYS E 236 11.35 -12.17 -36.58
N LYS E 237 12.26 -11.26 -36.94
CA LYS E 237 12.98 -11.33 -38.21
C LYS E 237 14.34 -12.04 -38.04
#